data_6K76
#
_entry.id   6K76
#
_cell.length_a   218.862
_cell.length_b   218.862
_cell.length_c   66.244
_cell.angle_alpha   90.00
_cell.angle_beta   90.00
_cell.angle_gamma   120.00
#
_symmetry.space_group_name_H-M   'H 3'
#
loop_
_entity.id
_entity.type
_entity.pdbx_description
1 polymer 'Glycerol kinase'
2 non-polymer 'PHOSPHOAMINOPHOSPHONIC ACID-ADENYLATE ESTER'
#
_entity_poly.entity_id   1
_entity_poly.type   'polypeptide(L)'
_entity_poly.pdbx_seq_one_letter_code
;MEKFVLSLDEGTTSARAIIFDRESNIHGIGQYEFPQHYPRPGWVEHNPEEIWDAQLRAIKDAIQSARIEPNQIAAIGVTN
QRETTLVWDKDGKPLYNAIVWQCRRTAEMVEEIKREYGTMIKEKTGLVPDAYFSASKLKWLLDNVPGLREKAEKGEVMFG
TVDTFLIYRLTGEHVTDYSNASRTMLFNIKKLDWDDELLELFDIPESVLPEVRESSEVYGYTKKELLGAEIPVSGDAGDQ
QAALFGQAAFEAGMVKATYGTGSFILVNTDKMVLYSDNLLTTIAWGLNGRVSYALEGSIFVTGAAVQWLRDGIKIIKHAS
ETEELATKLESNEGVYFVPAFVGLGAPYWDQFARGIIIGITRGTGREHLARATLEAIAYLTRDVVDEMEKLVQIKELRVD
GGATANDFLMQFQADILNRKVIRPVVKETTALGAAYLAGLAVDYWADTREIAELWKAERIFEPKMDEKTRERLYKGWKEA
VKRAMGWAKVVDSAKSN
;
_entity_poly.pdbx_strand_id   A,B
#
# COMPACT_ATOMS: atom_id res chain seq x y z
N VAL A 5 14.18 20.92 -23.25
CA VAL A 5 13.09 19.92 -23.35
C VAL A 5 11.71 20.52 -23.62
N LEU A 6 11.02 19.91 -24.58
CA LEU A 6 9.70 20.37 -25.01
C LEU A 6 8.66 19.36 -24.56
N SER A 7 7.64 19.84 -23.86
CA SER A 7 6.56 19.00 -23.34
C SER A 7 5.27 19.31 -24.07
N LEU A 8 4.55 18.25 -24.41
CA LEU A 8 3.29 18.36 -25.11
C LEU A 8 2.19 17.98 -24.12
N ASP A 9 1.34 18.94 -23.79
CA ASP A 9 0.29 18.74 -22.78
C ASP A 9 -1.05 18.76 -23.49
N GLU A 10 -1.34 17.68 -24.21
CA GLU A 10 -2.55 17.59 -25.00
C GLU A 10 -3.71 17.26 -24.07
N GLY A 11 -4.45 18.30 -23.66
CA GLY A 11 -5.52 18.16 -22.71
C GLY A 11 -6.84 17.77 -23.34
N THR A 12 -7.91 17.96 -22.58
CA THR A 12 -9.23 17.62 -23.11
C THR A 12 -9.89 18.77 -23.84
N THR A 13 -9.57 19.99 -23.43
CA THR A 13 -10.15 21.23 -23.91
C THR A 13 -9.23 22.00 -24.84
N SER A 14 -7.92 21.82 -24.65
CA SER A 14 -6.87 22.73 -25.11
C SER A 14 -5.51 22.05 -25.12
N ALA A 15 -4.82 22.09 -26.26
CA ALA A 15 -3.51 21.45 -26.40
C ALA A 15 -2.39 22.43 -26.06
N ARG A 16 -1.63 22.13 -25.00
CA ARG A 16 -0.49 22.93 -24.59
C ARG A 16 0.82 22.37 -25.17
N ALA A 17 1.80 23.27 -25.29
CA ALA A 17 3.20 22.92 -25.53
C ALA A 17 4.02 23.84 -24.65
N ILE A 18 5.07 23.32 -24.03
CA ILE A 18 5.90 24.11 -23.12
C ILE A 18 7.36 23.64 -23.22
N ILE A 19 8.29 24.56 -22.95
CA ILE A 19 9.72 24.31 -23.03
C ILE A 19 10.41 24.78 -21.75
N PHE A 20 11.16 23.85 -21.13
CA PHE A 20 11.79 24.02 -19.82
C PHE A 20 13.31 23.95 -19.93
N ASP A 21 13.99 24.42 -18.88
CA ASP A 21 15.43 24.27 -18.69
C ASP A 21 15.68 23.47 -17.42
N ARG A 22 16.76 22.68 -17.40
CA ARG A 22 17.11 21.79 -16.28
C ARG A 22 16.83 22.35 -14.88
N GLU A 23 16.67 23.66 -14.75
CA GLU A 23 16.23 24.22 -13.47
C GLU A 23 14.71 24.24 -13.34
N SER A 24 13.98 23.85 -14.38
CA SER A 24 12.52 23.73 -14.48
C SER A 24 11.81 25.07 -14.58
N ASN A 25 12.42 26.03 -15.24
CA ASN A 25 11.79 27.29 -15.56
C ASN A 25 11.26 27.25 -16.99
N ILE A 26 10.15 27.93 -17.23
CA ILE A 26 9.52 27.91 -18.55
C ILE A 26 10.20 28.93 -19.45
N HIS A 27 10.46 28.52 -20.70
CA HIS A 27 11.06 29.40 -21.70
C HIS A 27 10.17 29.65 -22.90
N GLY A 28 9.00 28.99 -22.98
CA GLY A 28 8.02 29.21 -24.03
C GLY A 28 6.72 28.47 -23.72
N ILE A 29 5.58 29.04 -24.12
CA ILE A 29 4.28 28.36 -24.03
C ILE A 29 3.60 28.44 -25.38
N GLY A 30 2.57 27.61 -25.55
CA GLY A 30 1.73 27.63 -26.72
C GLY A 30 0.45 26.85 -26.44
N GLN A 31 -0.68 27.53 -26.42
CA GLN A 31 -1.95 26.87 -26.16
C GLN A 31 -2.96 27.22 -27.23
N TYR A 32 -3.68 26.21 -27.71
CA TYR A 32 -4.83 26.40 -28.60
C TYR A 32 -5.93 25.42 -28.20
N GLU A 33 -7.17 25.89 -28.26
CA GLU A 33 -8.32 25.04 -28.00
C GLU A 33 -8.68 24.27 -29.28
N PHE A 34 -9.89 23.70 -29.28
CA PHE A 34 -10.44 23.01 -30.44
C PHE A 34 -11.86 22.57 -30.08
N PRO A 35 -12.77 22.50 -31.04
CA PRO A 35 -14.16 22.30 -30.69
C PRO A 35 -14.34 20.99 -29.93
N GLN A 36 -15.29 21.02 -29.00
CA GLN A 36 -15.76 19.85 -28.28
C GLN A 36 -17.07 19.40 -28.94
N HIS A 37 -17.01 18.30 -29.66
CA HIS A 37 -18.14 17.84 -30.46
C HIS A 37 -19.09 17.01 -29.63
N TYR A 38 -20.37 17.32 -29.73
CA TYR A 38 -21.42 16.61 -29.01
C TYR A 38 -22.48 16.10 -30.00
N PRO A 39 -22.23 14.98 -30.67
CA PRO A 39 -23.23 14.49 -31.63
C PRO A 39 -24.60 14.28 -31.04
N ARG A 40 -24.70 13.98 -29.75
CA ARG A 40 -25.96 13.66 -29.12
C ARG A 40 -25.84 13.97 -27.64
N PRO A 41 -26.95 14.10 -26.93
CA PRO A 41 -26.88 14.29 -25.48
C PRO A 41 -26.02 13.25 -24.79
N GLY A 42 -25.03 13.74 -24.04
CA GLY A 42 -24.10 12.87 -23.35
C GLY A 42 -22.94 12.37 -24.17
N TRP A 43 -22.88 12.69 -25.46
CA TRP A 43 -21.79 12.22 -26.33
C TRP A 43 -20.74 13.32 -26.47
N VAL A 44 -19.47 12.95 -26.34
CA VAL A 44 -18.38 13.91 -26.48
C VAL A 44 -17.38 13.31 -27.45
N GLU A 45 -17.05 14.08 -28.49
CA GLU A 45 -16.13 13.64 -29.52
C GLU A 45 -15.14 14.75 -29.83
N HIS A 46 -13.94 14.34 -30.26
CA HIS A 46 -12.91 15.23 -30.75
C HIS A 46 -12.55 14.83 -32.17
N ASN A 47 -12.32 15.83 -33.03
CA ASN A 47 -11.83 15.52 -34.35
C ASN A 47 -10.31 15.47 -34.27
N PRO A 48 -9.69 14.31 -34.49
CA PRO A 48 -8.25 14.22 -34.29
C PRO A 48 -7.48 15.18 -35.16
N GLU A 49 -8.05 15.59 -36.28
CA GLU A 49 -7.39 16.60 -37.08
C GLU A 49 -7.39 17.96 -36.36
N GLU A 50 -8.55 18.35 -35.79
CA GLU A 50 -8.60 19.58 -35.01
C GLU A 50 -7.67 19.52 -33.80
N ILE A 51 -7.55 18.34 -33.18
CA ILE A 51 -6.65 18.20 -32.04
C ILE A 51 -5.22 18.41 -32.47
N TRP A 52 -4.83 17.73 -33.56
CA TRP A 52 -3.44 17.57 -33.96
C TRP A 52 -2.82 18.87 -34.42
N ASP A 53 -3.54 19.62 -35.26
CA ASP A 53 -2.96 20.87 -35.69
C ASP A 53 -2.92 21.85 -34.54
N ALA A 54 -3.97 21.90 -33.73
CA ALA A 54 -3.92 22.68 -32.50
C ALA A 54 -2.69 22.35 -31.69
N GLN A 55 -2.25 21.09 -31.70
CA GLN A 55 -1.06 20.73 -30.93
C GLN A 55 0.20 21.35 -31.53
N LEU A 56 0.51 21.01 -32.80
CA LEU A 56 1.73 21.47 -33.45
C LEU A 56 1.75 23.00 -33.60
N ARG A 57 0.66 23.58 -34.12
CA ARG A 57 0.52 25.02 -34.13
C ARG A 57 0.81 25.62 -32.75
N ALA A 58 0.58 24.87 -31.68
CA ALA A 58 0.87 25.39 -30.34
C ALA A 58 2.29 25.13 -29.90
N ILE A 59 2.92 24.07 -30.42
CA ILE A 59 4.36 23.89 -30.25
C ILE A 59 5.09 25.16 -30.69
N LYS A 60 4.65 25.72 -31.81
CA LYS A 60 5.36 26.82 -32.45
C LYS A 60 5.31 28.09 -31.59
N ASP A 61 4.22 28.35 -30.89
CA ASP A 61 4.21 29.50 -29.99
C ASP A 61 5.27 29.35 -28.90
N ALA A 62 5.40 28.14 -28.35
CA ALA A 62 6.44 27.88 -27.35
C ALA A 62 7.83 27.90 -27.99
N ILE A 63 7.94 27.36 -29.21
CA ILE A 63 9.16 27.50 -30.00
C ILE A 63 9.47 28.98 -30.24
N GLN A 64 8.56 29.67 -30.93
CA GLN A 64 8.82 31.03 -31.40
C GLN A 64 9.09 31.99 -30.25
N SER A 65 8.66 31.68 -29.03
CA SER A 65 9.02 32.53 -27.91
C SER A 65 10.27 32.04 -27.18
N ALA A 66 10.72 30.83 -27.49
CA ALA A 66 11.91 30.27 -26.88
C ALA A 66 13.19 30.68 -27.60
N ARG A 67 13.10 31.10 -28.86
CA ARG A 67 14.27 31.50 -29.62
C ARG A 67 15.22 30.31 -29.76
N GLU A 69 16.39 27.21 -31.71
CA GLU A 69 16.66 26.31 -32.83
C GLU A 69 16.16 24.90 -32.57
N PRO A 70 15.51 24.28 -33.58
CA PRO A 70 15.18 22.85 -33.50
C PRO A 70 16.18 21.99 -32.75
N ASN A 71 17.30 21.57 -33.35
CA ASN A 71 18.10 20.59 -32.58
C ASN A 71 18.74 21.17 -31.27
N GLN A 72 18.43 22.40 -30.84
CA GLN A 72 18.70 22.84 -29.47
C GLN A 72 17.72 22.21 -28.47
N ILE A 73 16.82 21.36 -28.96
CA ILE A 73 15.81 20.67 -28.15
C ILE A 73 16.32 19.29 -27.78
N ALA A 74 16.42 19.03 -26.47
CA ALA A 74 16.98 17.77 -25.99
C ALA A 74 16.08 16.58 -26.33
N ALA A 75 14.79 16.67 -25.99
CA ALA A 75 13.82 15.64 -26.36
C ALA A 75 12.40 16.21 -26.25
N ILE A 76 11.44 15.39 -26.68
CA ILE A 76 10.00 15.67 -26.53
C ILE A 76 9.40 14.72 -25.49
N GLY A 77 8.63 15.29 -24.57
CA GLY A 77 7.78 14.51 -23.67
C GLY A 77 6.33 14.75 -24.03
N VAL A 78 5.48 13.77 -23.72
CA VAL A 78 4.08 13.79 -24.15
C VAL A 78 3.16 13.35 -23.01
N THR A 79 2.16 14.17 -22.68
CA THR A 79 1.07 13.73 -21.79
C THR A 79 -0.29 14.20 -22.28
N ASN A 80 -1.26 13.30 -22.17
CA ASN A 80 -2.53 13.37 -22.88
C ASN A 80 -3.71 13.23 -21.93
N GLN A 81 -4.84 13.83 -22.31
CA GLN A 81 -6.12 13.41 -21.75
C GLN A 81 -6.21 11.89 -21.86
N ARG A 82 -6.48 11.23 -20.75
CA ARG A 82 -6.40 9.77 -20.75
C ARG A 82 -7.68 9.13 -21.33
N GLU A 83 -7.62 7.80 -21.49
CA GLU A 83 -8.71 6.93 -21.97
C GLU A 83 -9.36 7.33 -23.31
N THR A 84 -9.41 8.61 -23.67
CA THR A 84 -9.95 9.02 -24.99
C THR A 84 -9.40 8.13 -26.10
N THR A 85 -10.28 7.63 -26.95
CA THR A 85 -9.99 6.50 -27.84
C THR A 85 -10.08 6.90 -29.31
N LEU A 86 -9.06 6.49 -30.09
CA LEU A 86 -8.86 6.88 -31.49
C LEU A 86 -8.49 5.66 -32.33
N VAL A 87 -8.61 5.80 -33.64
CA VAL A 87 -8.28 4.74 -34.60
C VAL A 87 -7.80 5.39 -35.88
N TRP A 88 -6.86 4.73 -36.58
CA TRP A 88 -6.30 5.30 -37.80
C TRP A 88 -5.66 4.19 -38.66
N ASP A 89 -5.24 4.59 -39.86
CA ASP A 89 -4.66 3.70 -40.88
C ASP A 89 -3.14 3.89 -40.99
N LYS A 90 -2.52 2.99 -41.76
CA LYS A 90 -1.06 2.92 -41.83
C LYS A 90 -0.44 4.20 -42.40
N ASP A 91 -1.22 5.01 -43.11
CA ASP A 91 -0.76 6.32 -43.56
C ASP A 91 -0.99 7.42 -42.52
N GLY A 92 -1.63 7.09 -41.40
CA GLY A 92 -1.78 8.03 -40.30
C GLY A 92 -3.05 8.85 -40.29
N LYS A 93 -4.13 8.37 -40.94
CA LYS A 93 -5.37 9.12 -41.12
C LYS A 93 -6.46 8.62 -40.16
N PRO A 94 -7.15 9.53 -39.48
CA PRO A 94 -8.17 9.11 -38.49
C PRO A 94 -9.35 8.47 -39.19
N LEU A 95 -9.68 7.23 -38.81
CA LEU A 95 -10.78 6.52 -39.44
C LEU A 95 -12.15 6.88 -38.86
N TYR A 96 -12.22 7.69 -37.81
CA TYR A 96 -13.47 8.19 -37.23
C TYR A 96 -13.06 9.16 -36.13
N ASN A 97 -14.01 9.98 -35.68
CA ASN A 97 -13.72 10.91 -34.60
C ASN A 97 -13.18 10.13 -33.41
N ALA A 98 -12.42 10.80 -32.55
CA ALA A 98 -12.08 10.19 -31.29
C ALA A 98 -13.28 10.26 -30.36
N ILE A 99 -13.44 9.23 -29.54
CA ILE A 99 -14.49 9.17 -28.53
C ILE A 99 -13.83 9.54 -27.20
N VAL A 100 -14.04 10.78 -26.76
CA VAL A 100 -13.43 11.35 -25.56
C VAL A 100 -13.71 10.47 -24.34
N TRP A 101 -12.85 10.56 -23.33
CA TRP A 101 -13.18 9.95 -22.06
C TRP A 101 -14.52 10.41 -21.49
N GLN A 102 -14.94 11.61 -21.85
CA GLN A 102 -16.20 12.10 -21.31
C GLN A 102 -17.40 11.42 -21.95
N CYS A 103 -17.23 10.74 -23.08
CA CYS A 103 -18.36 10.25 -23.84
C CYS A 103 -19.03 9.08 -23.15
N ARG A 104 -20.37 9.11 -23.10
CA ARG A 104 -21.16 8.12 -22.39
C ARG A 104 -21.90 7.17 -23.33
N ARG A 105 -21.60 7.20 -24.63
CA ARG A 105 -22.32 6.40 -25.61
C ARG A 105 -22.33 4.91 -25.29
N THR A 106 -21.38 4.40 -24.49
CA THR A 106 -21.31 2.99 -24.16
C THR A 106 -21.77 2.67 -22.73
N ALA A 107 -22.56 3.54 -22.08
CA ALA A 107 -22.90 3.31 -20.67
C ALA A 107 -23.52 1.94 -20.49
N GLU A 108 -24.41 1.55 -21.40
CA GLU A 108 -25.22 0.34 -21.24
C GLU A 108 -24.67 -0.87 -21.97
N MET A 109 -23.96 -0.69 -23.08
CA MET A 109 -23.13 -1.79 -23.57
C MET A 109 -22.20 -2.28 -22.48
N VAL A 110 -21.73 -1.38 -21.62
CA VAL A 110 -20.94 -1.78 -20.47
C VAL A 110 -21.84 -2.43 -19.42
N GLU A 111 -23.03 -1.87 -19.20
CA GLU A 111 -23.85 -2.28 -18.06
C GLU A 111 -24.13 -3.77 -18.08
N GLU A 112 -24.62 -4.26 -19.21
CA GLU A 112 -24.90 -5.69 -19.31
C GLU A 112 -23.67 -6.50 -18.91
N ILE A 113 -22.53 -6.18 -19.51
CA ILE A 113 -21.28 -6.90 -19.29
C ILE A 113 -20.82 -6.82 -17.83
N LYS A 114 -21.29 -5.83 -17.08
CA LYS A 114 -20.80 -5.61 -15.72
C LYS A 114 -20.99 -6.86 -14.87
N ARG A 115 -22.22 -7.37 -14.77
CA ARG A 115 -22.53 -8.33 -13.72
C ARG A 115 -21.73 -9.61 -13.87
N GLU A 116 -21.69 -10.16 -15.07
CA GLU A 116 -20.91 -11.38 -15.22
C GLU A 116 -19.41 -11.13 -15.08
N TYR A 117 -18.95 -9.90 -15.38
CA TYR A 117 -17.52 -9.60 -15.52
C TYR A 117 -17.01 -8.46 -14.63
N GLY A 118 -17.84 -7.96 -13.71
CA GLY A 118 -17.44 -6.79 -12.96
C GLY A 118 -16.19 -7.02 -12.12
N THR A 119 -16.15 -8.12 -11.40
CA THR A 119 -15.02 -8.30 -10.51
C THR A 119 -13.80 -8.82 -11.24
N MET A 120 -14.00 -9.49 -12.38
CA MET A 120 -12.86 -9.93 -13.19
C MET A 120 -12.21 -8.76 -13.93
N ILE A 121 -13.01 -7.86 -14.53
CA ILE A 121 -12.43 -6.64 -15.11
C ILE A 121 -11.63 -5.87 -14.06
N LYS A 122 -12.22 -5.62 -12.88
CA LYS A 122 -11.49 -4.87 -11.87
C LYS A 122 -10.26 -5.62 -11.41
N GLU A 123 -10.36 -6.95 -11.24
CA GLU A 123 -9.25 -7.71 -10.69
C GLU A 123 -8.03 -7.66 -11.60
N LYS A 124 -8.24 -7.63 -12.90
CA LYS A 124 -7.10 -7.63 -13.80
C LYS A 124 -6.58 -6.22 -14.05
N THR A 125 -7.48 -5.24 -14.10
CA THR A 125 -7.17 -3.96 -14.70
C THR A 125 -7.11 -2.84 -13.67
N GLY A 126 -7.65 -3.05 -12.49
CA GLY A 126 -7.71 -2.03 -11.47
C GLY A 126 -8.93 -1.15 -11.54
N LEU A 127 -9.76 -1.27 -12.58
CA LEU A 127 -10.75 -0.26 -12.92
C LEU A 127 -12.17 -0.72 -12.59
N VAL A 128 -12.93 0.12 -11.89
CA VAL A 128 -14.38 0.06 -11.82
C VAL A 128 -14.86 0.06 -13.27
N PRO A 129 -15.57 -0.95 -13.75
CA PRO A 129 -16.01 -0.92 -15.15
C PRO A 129 -17.06 0.16 -15.36
N ASP A 130 -16.90 0.87 -16.46
CA ASP A 130 -17.60 2.12 -16.74
C ASP A 130 -17.25 2.55 -18.15
N ALA A 131 -18.20 3.21 -18.81
CA ALA A 131 -17.97 3.82 -20.12
C ALA A 131 -16.83 4.85 -20.11
N TYR A 132 -16.18 5.04 -18.96
CA TYR A 132 -15.10 6.02 -18.86
C TYR A 132 -13.91 5.60 -19.73
N PHE A 133 -13.59 4.30 -19.73
CA PHE A 133 -12.32 3.80 -20.25
C PHE A 133 -12.49 3.19 -21.63
N SER A 134 -11.33 2.94 -22.26
CA SER A 134 -11.25 2.73 -23.69
C SER A 134 -12.00 1.47 -24.14
N ALA A 135 -11.99 0.41 -23.34
CA ALA A 135 -12.32 -0.89 -23.89
C ALA A 135 -13.69 -0.87 -24.58
N SER A 136 -14.71 -0.32 -23.93
CA SER A 136 -16.00 -0.23 -24.61
C SER A 136 -15.96 0.81 -25.73
N LYS A 137 -15.11 1.82 -25.60
CA LYS A 137 -15.00 2.82 -26.66
C LYS A 137 -14.50 2.17 -27.94
N LEU A 138 -13.54 1.26 -27.82
CA LEU A 138 -13.06 0.51 -28.98
C LEU A 138 -14.14 -0.38 -29.53
N LYS A 139 -14.83 -1.14 -28.66
CA LYS A 139 -15.81 -2.11 -29.16
C LYS A 139 -16.86 -1.39 -30.00
N TRP A 140 -17.27 -0.19 -29.60
CA TRP A 140 -18.18 0.59 -30.43
C TRP A 140 -17.55 0.89 -31.79
N LEU A 141 -16.35 1.46 -31.80
CA LEU A 141 -15.71 1.87 -33.05
C LEU A 141 -15.56 0.72 -34.04
N LEU A 142 -15.30 -0.51 -33.57
CA LEU A 142 -15.25 -1.66 -34.46
C LEU A 142 -16.63 -2.26 -34.72
N ASP A 143 -17.64 -1.91 -33.92
CA ASP A 143 -18.96 -2.44 -34.13
C ASP A 143 -19.87 -1.52 -34.94
N ASN A 144 -19.51 -0.24 -35.08
CA ASN A 144 -20.37 0.79 -35.64
C ASN A 144 -19.77 1.56 -36.81
N VAL A 145 -18.45 1.54 -36.98
CA VAL A 145 -17.80 2.27 -38.05
C VAL A 145 -17.61 1.32 -39.23
N PRO A 146 -18.32 1.50 -40.33
CA PRO A 146 -18.31 0.48 -41.40
C PRO A 146 -16.92 0.26 -41.98
N GLY A 147 -16.56 -1.02 -42.13
CA GLY A 147 -15.29 -1.42 -42.72
C GLY A 147 -14.14 -1.59 -41.75
N LEU A 148 -14.32 -1.21 -40.49
CA LEU A 148 -13.19 -1.16 -39.56
C LEU A 148 -12.77 -2.55 -39.12
N ARG A 149 -13.72 -3.42 -38.81
CA ARG A 149 -13.33 -4.78 -38.44
C ARG A 149 -12.61 -5.48 -39.59
N GLU A 150 -13.23 -5.51 -40.79
CA GLU A 150 -12.56 -6.03 -42.00
C GLU A 150 -11.14 -5.50 -42.13
N LYS A 151 -10.99 -4.16 -42.11
CA LYS A 151 -9.70 -3.53 -42.28
C LYS A 151 -8.70 -3.93 -41.18
N ALA A 152 -9.20 -4.34 -40.02
CA ALA A 152 -8.35 -4.73 -38.91
C ALA A 152 -8.04 -6.22 -38.96
N GLU A 153 -9.08 -7.04 -39.12
CA GLU A 153 -8.84 -8.44 -39.41
C GLU A 153 -7.89 -8.58 -40.61
N LYS A 154 -7.97 -7.63 -41.57
CA LYS A 154 -7.04 -7.49 -42.69
C LYS A 154 -5.71 -6.85 -42.29
N GLY A 155 -5.62 -6.22 -41.11
CA GLY A 155 -4.37 -5.74 -40.59
C GLY A 155 -4.01 -4.29 -40.87
N GLU A 156 -4.97 -3.46 -41.26
CA GLU A 156 -4.64 -2.10 -41.69
C GLU A 156 -4.89 -1.04 -40.64
N VAL A 157 -5.25 -1.44 -39.40
CA VAL A 157 -5.85 -0.57 -38.39
C VAL A 157 -4.98 -0.50 -37.14
N MET A 158 -4.73 0.71 -36.64
CA MET A 158 -4.01 0.93 -35.40
C MET A 158 -4.87 1.71 -34.39
N PHE A 159 -5.03 1.16 -33.18
CA PHE A 159 -5.71 1.89 -32.10
C PHE A 159 -4.71 2.58 -31.18
N GLY A 160 -5.16 3.66 -30.53
CA GLY A 160 -4.40 4.22 -29.43
C GLY A 160 -5.20 5.21 -28.60
N THR A 161 -4.69 5.46 -27.40
CA THR A 161 -5.06 6.66 -26.68
C THR A 161 -4.28 7.85 -27.24
N VAL A 162 -4.54 9.05 -26.73
CA VAL A 162 -4.06 10.27 -27.37
C VAL A 162 -2.54 10.30 -27.44
N ASP A 163 -1.85 9.90 -26.37
CA ASP A 163 -0.39 9.80 -26.45
C ASP A 163 0.04 8.97 -27.67
N THR A 164 -0.53 7.77 -27.82
CA THR A 164 -0.17 6.88 -28.92
C THR A 164 -0.39 7.56 -30.27
N PHE A 165 -1.45 8.36 -30.38
CA PHE A 165 -1.69 9.12 -31.60
C PHE A 165 -0.64 10.22 -31.78
N LEU A 166 -0.50 11.09 -30.79
CA LEU A 166 0.54 12.12 -30.83
C LEU A 166 1.92 11.55 -31.16
N ILE A 167 2.27 10.40 -30.57
CA ILE A 167 3.61 9.83 -30.81
C ILE A 167 3.75 9.41 -32.25
N TYR A 168 2.66 8.99 -32.89
CA TYR A 168 2.64 8.57 -34.29
C TYR A 168 3.00 9.69 -35.25
N ARG A 169 2.12 10.67 -35.40
CA ARG A 169 2.43 11.81 -36.26
C ARG A 169 3.75 12.47 -35.90
N LEU A 170 4.28 12.20 -34.70
CA LEU A 170 5.58 12.75 -34.35
C LEU A 170 6.70 11.92 -34.94
N THR A 171 6.55 10.60 -34.89
CA THR A 171 7.65 9.64 -34.98
C THR A 171 7.49 8.67 -36.13
N GLY A 172 6.31 8.07 -36.27
CA GLY A 172 6.09 6.87 -37.05
C GLY A 172 5.91 5.63 -36.20
N GLU A 173 6.29 5.72 -34.93
CA GLU A 173 6.16 4.58 -34.02
C GLU A 173 4.75 4.51 -33.43
N HIS A 174 4.39 3.29 -33.02
CA HIS A 174 3.08 2.95 -32.48
C HIS A 174 3.34 2.42 -31.07
N VAL A 175 3.44 3.33 -30.11
CA VAL A 175 3.78 2.95 -28.75
C VAL A 175 2.80 3.61 -27.78
N THR A 176 2.91 3.21 -26.52
CA THR A 176 2.24 3.86 -25.39
C THR A 176 2.99 3.44 -24.13
N ASP A 177 2.80 4.19 -23.06
CA ASP A 177 3.46 3.79 -21.83
C ASP A 177 2.55 2.86 -21.00
N TYR A 178 3.07 2.40 -19.86
CA TYR A 178 2.28 1.58 -18.95
C TYR A 178 1.12 2.39 -18.37
N SER A 179 1.32 3.68 -18.13
CA SER A 179 0.29 4.41 -17.40
C SER A 179 -0.92 4.66 -18.29
N ASN A 180 -0.68 5.10 -19.52
CA ASN A 180 -1.78 5.28 -20.43
C ASN A 180 -2.41 3.94 -20.80
N ALA A 181 -1.66 2.85 -20.74
CA ALA A 181 -2.26 1.59 -21.12
C ALA A 181 -3.16 1.05 -20.03
N SER A 182 -2.80 1.30 -18.77
CA SER A 182 -3.64 0.86 -17.63
C SER A 182 -5.04 1.44 -17.70
N ARG A 183 -5.16 2.59 -18.35
CA ARG A 183 -6.38 3.35 -18.51
C ARG A 183 -7.31 2.80 -19.59
N THR A 184 -6.89 1.80 -20.37
CA THR A 184 -7.74 1.32 -21.45
C THR A 184 -8.66 0.21 -21.02
N MET A 185 -8.51 -0.31 -19.80
CA MET A 185 -9.34 -1.43 -19.36
C MET A 185 -9.22 -2.59 -20.34
N LEU A 186 -8.06 -2.71 -20.96
CA LEU A 186 -7.65 -3.88 -21.72
C LEU A 186 -6.30 -4.41 -21.28
N PHE A 187 -5.61 -3.70 -20.39
CA PHE A 187 -4.24 -3.97 -20.01
C PHE A 187 -4.26 -4.52 -18.59
N ASN A 188 -3.60 -5.65 -18.39
CA ASN A 188 -3.57 -6.33 -17.11
C ASN A 188 -2.43 -5.73 -16.31
N ILE A 189 -2.75 -4.82 -15.39
CA ILE A 189 -1.70 -4.04 -14.72
C ILE A 189 -0.75 -4.94 -13.93
N LYS A 190 -1.19 -6.13 -13.53
CA LYS A 190 -0.34 -7.10 -12.85
C LYS A 190 0.61 -7.77 -13.85
N LYS A 191 0.07 -8.68 -14.68
CA LYS A 191 0.86 -9.38 -15.69
C LYS A 191 1.68 -8.41 -16.56
N LEU A 192 1.29 -7.14 -16.63
CA LEU A 192 2.00 -6.08 -17.38
C LEU A 192 2.02 -6.43 -18.86
N ASP A 193 0.82 -6.57 -19.41
CA ASP A 193 0.61 -6.92 -20.80
C ASP A 193 -0.90 -6.87 -21.06
N TRP A 194 -1.24 -6.71 -22.34
CA TRP A 194 -2.65 -6.80 -22.71
C TRP A 194 -3.20 -8.13 -22.19
N ASP A 195 -4.45 -8.12 -21.73
CA ASP A 195 -5.07 -9.27 -21.06
C ASP A 195 -6.01 -9.97 -22.03
N ASP A 196 -5.59 -11.17 -22.47
CA ASP A 196 -6.26 -11.84 -23.59
C ASP A 196 -7.77 -11.96 -23.38
N GLU A 197 -8.22 -12.31 -22.17
CA GLU A 197 -9.66 -12.48 -22.05
C GLU A 197 -10.40 -11.17 -21.87
N LEU A 198 -9.70 -10.03 -21.86
CA LEU A 198 -10.40 -8.77 -22.08
C LEU A 198 -10.40 -8.40 -23.54
N LEU A 199 -9.35 -8.77 -24.26
CA LEU A 199 -9.40 -8.64 -25.71
C LEU A 199 -10.56 -9.46 -26.26
N GLU A 200 -10.84 -10.60 -25.64
CA GLU A 200 -11.97 -11.41 -26.03
C GLU A 200 -13.29 -10.71 -25.67
N LEU A 201 -13.49 -10.44 -24.37
CA LEU A 201 -14.75 -9.90 -23.86
C LEU A 201 -15.23 -8.71 -24.68
N PHE A 202 -14.30 -7.85 -25.11
CA PHE A 202 -14.61 -6.65 -25.87
C PHE A 202 -14.35 -6.84 -27.35
N ASP A 203 -13.99 -8.05 -27.75
CA ASP A 203 -13.84 -8.42 -29.15
C ASP A 203 -12.97 -7.39 -29.88
N ILE A 204 -11.68 -7.46 -29.55
CA ILE A 204 -10.70 -6.49 -30.03
C ILE A 204 -9.50 -7.23 -30.61
N PRO A 205 -9.23 -7.08 -31.91
CA PRO A 205 -8.21 -7.90 -32.59
C PRO A 205 -6.82 -7.43 -32.25
N GLU A 206 -5.97 -8.36 -31.78
CA GLU A 206 -4.60 -8.05 -31.35
C GLU A 206 -3.90 -7.16 -32.38
N SER A 207 -4.26 -7.30 -33.65
CA SER A 207 -3.62 -6.60 -34.76
C SER A 207 -3.74 -5.10 -34.65
N VAL A 208 -4.20 -4.60 -33.51
CA VAL A 208 -4.68 -3.23 -33.41
C VAL A 208 -3.95 -2.49 -32.29
N LEU A 209 -3.57 -3.22 -31.24
CA LEU A 209 -3.05 -2.64 -30.02
C LEU A 209 -1.64 -2.08 -30.23
N PRO A 210 -1.23 -1.04 -29.45
CA PRO A 210 0.14 -0.54 -29.57
C PRO A 210 1.14 -1.38 -28.78
N GLU A 211 2.37 -0.90 -28.71
CA GLU A 211 3.46 -1.57 -28.01
C GLU A 211 3.67 -0.85 -26.68
N VAL A 212 3.33 -1.52 -25.57
CA VAL A 212 3.52 -0.89 -24.27
C VAL A 212 5.01 -0.78 -23.98
N ARG A 213 5.49 0.44 -23.76
CA ARG A 213 6.90 0.61 -23.39
C ARG A 213 7.02 1.44 -22.11
N GLU A 214 8.23 1.73 -21.67
CA GLU A 214 8.33 2.47 -20.43
C GLU A 214 7.94 3.91 -20.62
N SER A 215 7.96 4.66 -19.52
CA SER A 215 7.54 6.05 -19.53
C SER A 215 8.70 6.99 -19.82
N SER A 216 9.92 6.53 -19.58
CA SER A 216 11.17 7.19 -19.95
C SER A 216 11.92 6.24 -20.86
N GLU A 217 11.93 6.54 -22.16
CA GLU A 217 12.40 5.63 -23.20
C GLU A 217 12.53 6.44 -24.47
N VAL A 218 13.33 5.94 -25.42
CA VAL A 218 13.35 6.50 -26.76
C VAL A 218 12.43 5.66 -27.61
N TYR A 219 11.26 6.22 -27.90
CA TYR A 219 10.28 5.53 -28.73
C TYR A 219 10.66 5.65 -30.19
N GLY A 220 11.37 6.72 -30.54
CA GLY A 220 11.70 7.04 -31.91
C GLY A 220 12.08 8.52 -31.99
N TYR A 221 12.30 8.99 -33.21
CA TYR A 221 12.71 10.36 -33.43
C TYR A 221 11.77 11.02 -34.41
N THR A 222 11.67 12.35 -34.34
CA THR A 222 10.80 13.10 -35.23
C THR A 222 11.33 13.12 -36.66
N LYS A 223 10.45 13.51 -37.58
CA LYS A 223 10.83 13.70 -38.96
C LYS A 223 11.56 15.03 -39.13
N LYS A 224 12.67 15.00 -39.88
CA LYS A 224 13.58 16.14 -39.94
C LYS A 224 12.85 17.41 -40.36
N GLU A 225 11.87 17.27 -41.25
CA GLU A 225 11.02 18.38 -41.67
C GLU A 225 10.38 19.02 -40.43
N LEU A 226 9.11 18.70 -40.20
CA LEU A 226 8.40 18.90 -38.94
C LEU A 226 9.00 19.94 -37.99
N ALA A 229 14.57 19.51 -37.12
CA ALA A 229 15.50 18.64 -36.39
C ALA A 229 15.06 17.17 -36.36
N GLU A 230 15.86 16.33 -35.68
CA GLU A 230 15.63 14.90 -35.55
C GLU A 230 15.37 14.51 -34.10
N ILE A 231 14.51 15.28 -33.42
CA ILE A 231 14.43 15.25 -31.95
C ILE A 231 13.93 13.88 -31.48
N PRO A 232 14.41 13.38 -30.35
CA PRO A 232 13.89 12.11 -29.82
C PRO A 232 12.63 12.34 -28.98
N VAL A 233 11.61 11.54 -29.24
CA VAL A 233 10.40 11.50 -28.41
C VAL A 233 10.69 10.51 -27.30
N SER A 234 10.97 11.01 -26.10
CA SER A 234 11.60 10.19 -25.07
C SER A 234 10.83 10.08 -23.75
N GLY A 235 9.57 10.52 -23.69
CA GLY A 235 8.78 10.46 -22.46
C GLY A 235 7.28 10.39 -22.67
N ASP A 236 6.57 9.60 -21.85
CA ASP A 236 5.13 9.46 -22.07
C ASP A 236 4.46 9.00 -20.77
N ALA A 237 3.46 9.76 -20.31
CA ALA A 237 2.57 9.31 -19.23
C ALA A 237 1.19 9.95 -19.40
N GLY A 238 0.18 9.31 -18.81
CA GLY A 238 -1.16 9.88 -18.81
C GLY A 238 -1.21 11.19 -18.06
N ASP A 239 -2.05 12.12 -18.52
CA ASP A 239 -2.00 13.49 -18.02
C ASP A 239 -1.91 13.53 -16.50
N GLN A 240 -2.93 13.01 -15.81
CA GLN A 240 -2.90 12.98 -14.34
C GLN A 240 -1.67 12.26 -13.76
N GLN A 241 -1.15 11.22 -14.43
CA GLN A 241 0.03 10.53 -13.90
C GLN A 241 1.25 11.44 -13.89
N ALA A 242 1.42 12.25 -14.94
CA ALA A 242 2.60 13.10 -15.02
C ALA A 242 2.54 14.18 -13.95
N ALA A 243 1.35 14.70 -13.66
CA ALA A 243 1.25 15.69 -12.60
C ALA A 243 1.94 15.15 -11.35
N LEU A 244 1.66 13.89 -11.03
CA LEU A 244 2.34 13.22 -9.92
C LEU A 244 3.86 13.29 -10.08
N PHE A 245 4.38 13.00 -11.28
CA PHE A 245 5.81 13.14 -11.53
C PHE A 245 6.27 14.59 -11.32
N GLY A 246 5.68 15.52 -12.08
CA GLY A 246 5.95 16.93 -11.89
C GLY A 246 5.95 17.41 -10.45
N GLN A 247 5.22 16.73 -9.55
CA GLN A 247 5.20 17.13 -8.14
C GLN A 247 6.30 16.47 -7.34
N ALA A 248 7.17 15.71 -8.01
CA ALA A 248 8.20 14.93 -7.34
C ALA A 248 7.59 13.97 -6.33
N ALA A 249 6.41 13.46 -6.67
CA ALA A 249 5.75 12.52 -5.79
C ALA A 249 6.41 11.16 -5.92
N PHE A 250 7.74 11.13 -5.80
CA PHE A 250 8.52 9.94 -6.15
C PHE A 250 8.61 8.92 -5.03
N GLU A 251 7.65 8.91 -4.11
CA GLU A 251 7.73 8.06 -2.93
C GLU A 251 6.36 7.56 -2.54
N ALA A 252 6.34 6.30 -2.08
CA ALA A 252 5.09 5.70 -1.64
C ALA A 252 4.52 6.53 -0.50
N GLY A 253 3.23 6.84 -0.58
CA GLY A 253 2.57 7.68 0.39
C GLY A 253 2.26 9.09 -0.08
N MET A 254 2.99 9.59 -1.08
CA MET A 254 2.82 10.97 -1.50
C MET A 254 1.58 11.11 -2.38
N VAL A 255 0.88 12.25 -2.23
CA VAL A 255 -0.42 12.45 -2.87
C VAL A 255 -0.48 13.79 -3.57
N LYS A 256 -0.87 13.80 -4.85
CA LYS A 256 -1.23 15.04 -5.52
C LYS A 256 -2.71 15.05 -5.87
N ALA A 257 -3.21 16.24 -6.18
CA ALA A 257 -4.63 16.44 -6.46
C ALA A 257 -4.74 17.57 -7.48
N THR A 258 -5.05 17.22 -8.74
CA THR A 258 -5.18 18.21 -9.78
C THR A 258 -6.59 18.76 -9.79
N TYR A 259 -6.71 20.10 -9.84
CA TYR A 259 -7.99 20.80 -9.97
C TYR A 259 -8.11 21.36 -11.40
N GLY A 260 -9.02 20.79 -12.19
CA GLY A 260 -9.17 21.23 -13.56
C GLY A 260 -10.63 21.28 -13.92
N THR A 261 -11.01 20.96 -15.16
CA THR A 261 -12.41 20.65 -15.43
C THR A 261 -12.93 19.72 -14.35
N GLY A 262 -12.15 18.69 -14.04
CA GLY A 262 -12.46 17.80 -12.94
C GLY A 262 -11.19 17.58 -12.13
N SER A 263 -11.40 17.15 -10.90
CA SER A 263 -10.25 16.89 -10.05
C SER A 263 -9.84 15.42 -10.18
N PHE A 264 -8.58 15.15 -9.82
CA PHE A 264 -7.99 13.81 -9.99
C PHE A 264 -6.91 13.66 -8.93
N ILE A 265 -7.12 12.72 -8.01
CA ILE A 265 -6.32 12.56 -6.80
C ILE A 265 -5.63 11.21 -6.88
N LEU A 266 -4.29 11.21 -6.82
CA LEU A 266 -3.50 10.00 -6.92
C LEU A 266 -2.53 9.88 -5.75
N VAL A 267 -2.42 8.66 -5.21
CA VAL A 267 -1.41 8.31 -4.22
C VAL A 267 -0.38 7.43 -4.90
N ASN A 268 0.85 7.91 -5.01
CA ASN A 268 1.91 7.00 -5.43
C ASN A 268 1.97 5.84 -4.47
N THR A 269 2.11 4.62 -5.01
CA THR A 269 2.29 3.42 -4.19
C THR A 269 3.52 2.58 -4.57
N ASP A 270 4.46 3.14 -5.33
CA ASP A 270 5.20 2.39 -6.35
C ASP A 270 5.03 0.86 -6.29
N LYS A 271 5.87 0.08 -5.60
CA LYS A 271 5.87 -1.36 -5.91
C LYS A 271 4.64 -2.10 -5.36
N MET A 272 3.87 -1.48 -4.47
CA MET A 272 2.69 -2.11 -3.92
C MET A 272 1.45 -1.78 -4.76
N VAL A 273 0.66 -2.80 -5.07
CA VAL A 273 -0.61 -2.62 -5.75
C VAL A 273 -1.72 -2.72 -4.70
N LEU A 274 -2.50 -1.66 -4.54
CA LEU A 274 -3.57 -1.66 -3.57
C LEU A 274 -4.95 -1.75 -4.24
N TYR A 275 -5.93 -2.31 -3.51
CA TYR A 275 -7.30 -2.50 -3.98
C TYR A 275 -8.31 -1.65 -3.21
N SER A 276 -9.21 -1.00 -3.95
CA SER A 276 -10.31 -0.30 -3.33
C SER A 276 -11.56 -0.59 -4.15
N ASP A 277 -12.64 -0.96 -3.46
CA ASP A 277 -13.90 -1.19 -4.14
C ASP A 277 -14.30 0.03 -4.96
N ASN A 278 -14.23 1.21 -4.36
CA ASN A 278 -14.79 2.40 -4.99
C ASN A 278 -13.71 3.31 -5.63
N LEU A 279 -12.49 2.81 -5.84
CA LEU A 279 -11.40 3.59 -6.41
C LEU A 279 -10.68 2.80 -7.51
N LEU A 280 -9.85 3.51 -8.27
CA LEU A 280 -9.10 2.88 -9.34
C LEU A 280 -7.69 2.54 -8.88
N THR A 281 -7.20 1.38 -9.32
CA THR A 281 -5.79 0.98 -9.22
C THR A 281 -5.19 1.09 -10.62
N THR A 282 -4.33 2.07 -10.86
CA THR A 282 -3.65 2.16 -12.15
C THR A 282 -2.16 2.20 -11.94
N ILE A 283 -1.44 2.51 -13.03
CA ILE A 283 0.00 2.49 -13.07
C ILE A 283 0.50 3.93 -13.06
N ALA A 284 1.44 4.23 -12.16
CA ALA A 284 1.94 5.60 -12.03
C ALA A 284 2.86 5.95 -13.19
N TRP A 285 3.82 5.07 -13.47
CA TRP A 285 4.79 5.26 -14.55
C TRP A 285 5.68 4.04 -14.52
N GLY A 286 6.28 3.71 -15.67
CA GLY A 286 7.34 2.72 -15.74
C GLY A 286 8.67 3.43 -15.91
N LEU A 287 9.63 3.06 -15.08
CA LEU A 287 10.87 3.84 -15.02
C LEU A 287 12.02 2.97 -14.52
N ASN A 288 13.03 2.77 -15.39
CA ASN A 288 14.22 1.98 -15.05
C ASN A 288 13.84 0.57 -14.63
N GLY A 289 13.12 -0.13 -15.53
CA GLY A 289 12.69 -1.50 -15.33
C GLY A 289 11.79 -1.71 -14.14
N ARG A 290 11.37 -0.64 -13.47
CA ARG A 290 10.45 -0.70 -12.34
C ARG A 290 9.15 -0.01 -12.71
N VAL A 291 8.04 -0.63 -12.32
CA VAL A 291 6.70 -0.10 -12.55
C VAL A 291 6.20 0.41 -11.20
N SER A 292 5.91 1.71 -11.12
CA SER A 292 5.24 2.26 -9.94
C SER A 292 3.74 2.20 -10.15
N TYR A 293 2.98 1.97 -9.07
CA TYR A 293 1.52 1.90 -9.09
C TYR A 293 0.90 3.08 -8.37
N ALA A 294 -0.43 3.16 -8.42
CA ALA A 294 -1.15 4.21 -7.72
C ALA A 294 -2.59 3.79 -7.45
N LEU A 295 -3.22 4.54 -6.55
CA LEU A 295 -4.65 4.49 -6.28
C LEU A 295 -5.24 5.84 -6.68
N GLU A 296 -6.30 5.83 -7.49
CA GLU A 296 -6.79 7.07 -8.05
C GLU A 296 -8.22 7.30 -7.66
N GLY A 297 -8.57 8.57 -7.48
CA GLY A 297 -9.96 8.96 -7.42
C GLY A 297 -10.20 10.03 -8.46
N SER A 298 -11.09 9.79 -9.42
CA SER A 298 -11.31 10.74 -10.50
C SER A 298 -12.72 11.34 -10.42
N ILE A 299 -12.77 12.65 -10.27
CA ILE A 299 -13.95 13.46 -9.99
C ILE A 299 -14.22 14.19 -11.28
N PHE A 300 -15.34 13.90 -11.92
CA PHE A 300 -15.49 14.36 -13.31
C PHE A 300 -15.70 15.88 -13.40
N VAL A 301 -16.36 16.51 -12.44
CA VAL A 301 -16.75 17.90 -12.63
C VAL A 301 -16.45 18.69 -11.36
N THR A 302 -15.46 19.57 -11.42
CA THR A 302 -15.15 20.47 -10.33
C THR A 302 -15.07 21.87 -10.92
N GLY A 303 -13.89 22.25 -11.40
CA GLY A 303 -13.73 23.55 -12.00
C GLY A 303 -14.77 23.84 -13.06
N ALA A 304 -15.21 22.79 -13.79
CA ALA A 304 -16.29 22.91 -14.75
C ALA A 304 -17.57 23.49 -14.14
N ALA A 305 -17.72 23.43 -12.81
CA ALA A 305 -18.86 24.08 -12.16
C ALA A 305 -18.66 25.58 -12.14
N VAL A 306 -17.43 26.03 -11.85
CA VAL A 306 -17.12 27.46 -11.91
C VAL A 306 -17.37 27.98 -13.32
N GLN A 307 -16.96 27.21 -14.33
CA GLN A 307 -17.28 27.53 -15.73
C GLN A 307 -18.79 27.72 -15.91
N TRP A 308 -19.61 26.81 -15.36
CA TRP A 308 -21.06 26.92 -15.54
C TRP A 308 -21.65 28.17 -14.89
N LEU A 309 -21.03 28.67 -13.80
CA LEU A 309 -21.39 29.99 -13.30
C LEU A 309 -21.07 31.08 -14.32
N ARG A 310 -20.17 30.83 -15.25
CA ARG A 310 -19.78 31.87 -16.19
C ARG A 310 -20.55 31.81 -17.50
N ASP A 311 -20.89 30.62 -17.97
CA ASP A 311 -21.46 30.40 -19.29
C ASP A 311 -22.89 29.91 -19.29
N GLY A 312 -23.28 29.14 -18.29
CA GLY A 312 -24.67 28.75 -18.13
C GLY A 312 -25.50 29.89 -17.61
N ILE A 313 -25.60 30.05 -16.29
CA ILE A 313 -26.44 31.12 -15.76
C ILE A 313 -25.75 32.47 -15.76
N LYS A 314 -24.45 32.52 -16.06
CA LYS A 314 -23.71 33.78 -16.25
C LYS A 314 -23.98 34.78 -15.11
N ILE A 315 -23.54 34.39 -13.91
CA ILE A 315 -23.58 35.26 -12.75
C ILE A 315 -22.19 35.77 -12.40
N ILE A 316 -21.20 35.43 -13.23
CA ILE A 316 -19.83 35.92 -13.12
C ILE A 316 -19.28 36.03 -14.53
N LYS A 317 -18.30 36.91 -14.69
CA LYS A 317 -17.60 37.05 -15.96
C LYS A 317 -16.28 36.30 -16.00
N HIS A 318 -15.59 36.18 -14.87
CA HIS A 318 -14.29 35.54 -14.75
C HIS A 318 -14.29 34.59 -13.57
N ALA A 319 -13.66 33.43 -13.75
CA ALA A 319 -13.65 32.43 -12.68
C ALA A 319 -13.09 33.01 -11.39
N SER A 320 -12.16 33.96 -11.49
CA SER A 320 -11.60 34.59 -10.29
C SER A 320 -12.67 35.26 -9.44
N GLU A 321 -13.80 35.68 -10.05
CA GLU A 321 -14.82 36.39 -9.29
C GLU A 321 -15.32 35.56 -8.12
N THR A 322 -15.00 34.27 -8.08
CA THR A 322 -15.61 33.39 -7.09
C THR A 322 -15.12 33.69 -5.68
N GLU A 323 -13.81 33.93 -5.53
CA GLU A 323 -13.23 34.08 -4.21
C GLU A 323 -13.91 35.21 -3.44
N GLU A 324 -14.08 36.37 -4.09
CA GLU A 324 -14.67 37.52 -3.39
C GLU A 324 -16.19 37.37 -3.19
N LEU A 325 -16.91 36.91 -4.23
CA LEU A 325 -18.31 36.52 -4.04
C LEU A 325 -18.48 35.59 -2.84
N ALA A 326 -17.59 34.62 -2.67
CA ALA A 326 -17.77 33.59 -1.63
C ALA A 326 -17.37 34.07 -0.24
N THR A 327 -16.26 34.82 -0.15
CA THR A 327 -15.79 35.30 1.15
C THR A 327 -16.64 36.42 1.71
N LYS A 328 -17.66 36.89 0.98
CA LYS A 328 -18.69 37.76 1.53
C LYS A 328 -19.53 37.09 2.62
N LEU A 329 -19.52 35.75 2.75
CA LEU A 329 -20.38 35.06 3.72
C LEU A 329 -19.52 34.33 4.75
N GLU A 330 -20.03 34.21 5.98
CA GLU A 330 -19.26 33.51 7.01
C GLU A 330 -19.29 32.00 6.81
N SER A 331 -20.33 31.51 6.14
CA SER A 331 -20.51 30.09 5.89
C SER A 331 -21.50 29.98 4.74
N ASN A 332 -21.75 28.74 4.31
CA ASN A 332 -22.62 28.49 3.17
C ASN A 332 -24.08 28.60 3.50
N GLU A 333 -24.41 28.90 4.77
CA GLU A 333 -25.77 29.17 5.20
C GLU A 333 -26.72 28.08 4.71
N GLY A 334 -26.26 26.83 4.74
CA GLY A 334 -27.08 25.70 4.34
C GLY A 334 -27.26 25.46 2.85
N VAL A 335 -26.58 26.22 1.97
CA VAL A 335 -26.69 26.07 0.52
C VAL A 335 -25.59 25.15 -0.01
N TYR A 336 -25.99 24.08 -0.69
CA TYR A 336 -25.05 23.17 -1.32
C TYR A 336 -25.27 23.08 -2.81
N PHE A 337 -24.21 22.70 -3.49
CA PHE A 337 -24.20 22.57 -4.94
C PHE A 337 -23.46 21.28 -5.24
N VAL A 338 -24.19 20.24 -5.62
CA VAL A 338 -23.58 18.99 -6.07
C VAL A 338 -23.58 19.01 -7.58
N PRO A 339 -22.43 19.29 -8.22
CA PRO A 339 -22.43 19.64 -9.65
C PRO A 339 -22.22 18.42 -10.55
N ALA A 340 -23.06 17.40 -10.38
CA ALA A 340 -22.92 16.12 -11.08
C ALA A 340 -23.52 16.18 -12.48
N PHE A 341 -23.01 17.11 -13.30
CA PHE A 341 -23.63 17.39 -14.58
C PHE A 341 -23.79 16.12 -15.42
N VAL A 342 -22.91 15.14 -15.21
CA VAL A 342 -22.82 13.96 -16.06
C VAL A 342 -22.82 12.71 -15.19
N GLY A 343 -23.30 12.81 -13.96
CA GLY A 343 -23.16 11.72 -13.00
C GLY A 343 -21.98 11.96 -12.07
N LEU A 344 -21.74 10.97 -11.22
CA LEU A 344 -20.69 11.06 -10.22
C LEU A 344 -19.55 10.11 -10.55
N GLY A 345 -18.33 10.57 -10.29
CA GLY A 345 -17.11 9.80 -10.43
C GLY A 345 -16.85 9.04 -9.16
N ALA A 346 -15.56 8.94 -8.72
CA ALA A 346 -15.38 8.11 -7.51
C ALA A 346 -15.61 8.95 -6.26
N PRO A 347 -16.05 8.32 -5.17
CA PRO A 347 -16.38 6.90 -5.01
C PRO A 347 -17.79 6.46 -5.35
N TYR A 348 -18.62 7.35 -5.91
CA TYR A 348 -20.05 7.05 -5.99
C TYR A 348 -20.34 6.15 -7.17
N TRP A 349 -19.78 6.49 -8.33
CA TRP A 349 -20.02 5.77 -9.58
C TRP A 349 -21.50 5.70 -9.90
N ASP A 350 -22.17 6.85 -9.80
CA ASP A 350 -23.59 7.00 -10.18
C ASP A 350 -23.63 7.77 -11.49
N GLN A 351 -23.83 7.04 -12.59
CA GLN A 351 -23.85 7.67 -13.90
C GLN A 351 -25.08 8.53 -14.10
N PHE A 352 -26.10 8.32 -13.27
CA PHE A 352 -27.39 8.97 -13.47
C PHE A 352 -27.62 10.15 -12.54
N ALA A 353 -26.79 10.33 -11.52
CA ALA A 353 -26.89 11.51 -10.68
C ALA A 353 -26.72 12.78 -11.53
N ARG A 354 -27.55 13.80 -11.28
CA ARG A 354 -27.43 15.06 -11.99
C ARG A 354 -27.21 16.21 -10.99
N GLY A 355 -26.84 17.38 -11.51
CA GLY A 355 -26.42 18.45 -10.63
C GLY A 355 -27.58 19.01 -9.83
N ILE A 356 -27.37 19.24 -8.54
CA ILE A 356 -28.40 19.77 -7.67
C ILE A 356 -27.85 20.97 -6.91
N ILE A 357 -28.68 22.01 -6.78
CA ILE A 357 -28.53 23.04 -5.74
C ILE A 357 -29.67 22.88 -4.74
N ILE A 358 -29.34 22.91 -3.46
CA ILE A 358 -30.35 22.69 -2.43
C ILE A 358 -30.11 23.68 -1.29
N GLY A 359 -31.18 24.21 -0.73
CA GLY A 359 -31.10 25.12 0.41
C GLY A 359 -31.47 26.55 0.07
N ILE A 360 -32.30 26.72 -0.96
CA ILE A 360 -32.47 28.02 -1.63
C ILE A 360 -33.64 28.77 -0.99
N THR A 361 -33.32 29.68 -0.07
CA THR A 361 -34.32 30.55 0.55
C THR A 361 -34.45 31.84 -0.27
N ARG A 362 -35.27 32.78 0.23
CA ARG A 362 -35.45 34.06 -0.45
C ARG A 362 -34.19 34.93 -0.43
N GLY A 363 -33.24 34.63 0.47
CA GLY A 363 -32.02 35.39 0.60
C GLY A 363 -30.84 34.85 -0.16
N THR A 364 -30.98 33.69 -0.80
CA THR A 364 -29.88 33.10 -1.55
C THR A 364 -29.50 34.00 -2.73
N GLY A 365 -28.25 34.45 -2.76
CA GLY A 365 -27.76 35.27 -3.84
C GLY A 365 -26.52 34.65 -4.48
N ARG A 366 -26.02 35.35 -5.50
CA ARG A 366 -24.81 34.92 -6.20
C ARG A 366 -23.74 34.48 -5.21
N GLU A 367 -23.68 35.14 -4.05
CA GLU A 367 -22.61 34.82 -3.11
C GLU A 367 -22.73 33.38 -2.62
N HIS A 368 -23.97 32.92 -2.37
CA HIS A 368 -24.16 31.53 -1.92
C HIS A 368 -23.85 30.55 -3.04
N LEU A 369 -24.18 30.91 -4.28
CA LEU A 369 -23.84 30.06 -5.40
C LEU A 369 -22.33 29.91 -5.50
N ALA A 370 -21.63 31.04 -5.66
CA ALA A 370 -20.18 31.02 -5.83
C ALA A 370 -19.52 30.22 -4.71
N ARG A 371 -19.93 30.46 -3.46
CA ARG A 371 -19.36 29.70 -2.36
C ARG A 371 -19.69 28.22 -2.47
N ALA A 372 -20.96 27.89 -2.70
CA ALA A 372 -21.34 26.48 -2.75
C ALA A 372 -20.57 25.74 -3.83
N THR A 373 -20.11 26.46 -4.85
CA THR A 373 -19.34 25.84 -5.92
C THR A 373 -17.92 25.52 -5.46
N LEU A 374 -17.20 26.51 -4.95
CA LEU A 374 -15.86 26.24 -4.42
C LEU A 374 -15.92 25.22 -3.29
N GLU A 375 -16.89 25.33 -2.40
CA GLU A 375 -17.04 24.30 -1.36
C GLU A 375 -17.23 22.93 -1.99
N ALA A 376 -18.05 22.85 -3.05
CA ALA A 376 -18.27 21.57 -3.71
C ALA A 376 -16.96 20.99 -4.19
N ILE A 377 -16.09 21.81 -4.77
CA ILE A 377 -14.80 21.31 -5.25
C ILE A 377 -14.03 20.64 -4.12
N ALA A 378 -13.90 21.34 -2.98
CA ALA A 378 -13.14 20.76 -1.88
C ALA A 378 -13.87 19.56 -1.25
N TYR A 379 -15.21 19.58 -1.25
CA TYR A 379 -15.96 18.44 -0.76
C TYR A 379 -15.75 17.21 -1.64
N LEU A 380 -15.86 17.38 -2.97
CA LEU A 380 -15.56 16.25 -3.87
C LEU A 380 -14.19 15.66 -3.59
N THR A 381 -13.16 16.51 -3.44
CA THR A 381 -11.83 16.01 -3.10
C THR A 381 -11.87 15.15 -1.83
N ARG A 382 -12.43 15.71 -0.72
CA ARG A 382 -12.49 14.96 0.54
C ARG A 382 -13.25 13.63 0.41
N ASP A 383 -14.22 13.55 -0.50
CA ASP A 383 -14.88 12.27 -0.70
C ASP A 383 -13.87 11.21 -1.10
N VAL A 384 -12.95 11.56 -2.00
CA VAL A 384 -11.95 10.60 -2.45
C VAL A 384 -11.00 10.26 -1.31
N VAL A 385 -10.42 11.30 -0.69
CA VAL A 385 -9.41 11.12 0.36
C VAL A 385 -9.95 10.30 1.53
N ASP A 386 -11.16 10.62 2.00
CA ASP A 386 -11.78 9.81 3.05
C ASP A 386 -11.80 8.35 2.65
N GLU A 387 -12.22 8.08 1.41
CA GLU A 387 -12.32 6.70 0.95
C GLU A 387 -10.96 6.05 0.88
N MET A 388 -9.91 6.84 0.61
CA MET A 388 -8.55 6.30 0.59
C MET A 388 -8.11 5.89 1.99
N GLU A 389 -8.42 6.71 3.01
CA GLU A 389 -8.06 6.43 4.40
C GLU A 389 -8.69 5.15 4.92
N LYS A 390 -9.65 4.55 4.19
CA LYS A 390 -10.17 3.28 4.60
C LYS A 390 -9.13 2.19 4.43
N LEU A 391 -8.00 2.50 3.77
CA LEU A 391 -6.88 1.56 3.71
C LEU A 391 -5.47 2.16 3.80
N VAL A 392 -5.25 3.45 3.55
CA VAL A 392 -3.88 3.95 3.45
C VAL A 392 -3.85 5.37 3.96
N GLN A 393 -2.73 5.75 4.57
CA GLN A 393 -2.66 7.01 5.30
C GLN A 393 -2.35 8.17 4.37
N ILE A 394 -3.21 9.17 4.36
CA ILE A 394 -2.97 10.33 3.51
C ILE A 394 -2.60 11.53 4.39
N LYS A 395 -1.32 11.86 4.33
CA LYS A 395 -0.73 12.87 5.19
C LYS A 395 -1.03 14.27 4.67
N GLU A 396 -0.77 14.53 3.38
CA GLU A 396 -0.91 15.89 2.87
C GLU A 396 -1.07 15.88 1.35
N LEU A 397 -1.50 17.03 0.82
CA LEU A 397 -1.86 17.17 -0.58
C LEU A 397 -0.94 18.17 -1.25
N ARG A 398 -0.02 17.68 -2.07
CA ARG A 398 0.53 18.53 -3.11
C ARG A 398 -0.54 18.72 -4.18
N VAL A 399 -0.56 19.90 -4.80
CA VAL A 399 -1.78 20.41 -5.40
C VAL A 399 -1.47 21.35 -6.55
N ASP A 400 -2.15 21.14 -7.67
CA ASP A 400 -1.93 21.94 -8.86
C ASP A 400 -3.26 22.08 -9.62
N GLY A 401 -3.22 22.85 -10.70
CA GLY A 401 -4.41 23.07 -11.52
C GLY A 401 -4.95 24.49 -11.38
N GLY A 402 -5.76 24.88 -12.38
CA GLY A 402 -6.21 26.25 -12.50
C GLY A 402 -6.90 26.78 -11.26
N ALA A 403 -7.81 25.99 -10.67
CA ALA A 403 -8.55 26.44 -9.49
C ALA A 403 -7.65 26.67 -8.28
N THR A 404 -6.42 26.14 -8.27
CA THR A 404 -5.57 26.33 -7.09
C THR A 404 -5.04 27.76 -6.96
N ALA A 405 -5.28 28.62 -7.96
CA ALA A 405 -5.12 30.05 -7.74
C ALA A 405 -5.99 30.56 -6.60
N ASN A 406 -7.13 29.91 -6.37
CA ASN A 406 -8.13 30.45 -5.46
C ASN A 406 -7.68 30.27 -4.02
N ASP A 407 -7.15 31.35 -3.43
CA ASP A 407 -6.63 31.28 -2.06
C ASP A 407 -7.67 30.70 -1.11
N PHE A 408 -8.95 31.00 -1.34
CA PHE A 408 -10.04 30.54 -0.46
C PHE A 408 -10.29 29.06 -0.63
N LEU A 409 -10.58 28.63 -1.85
CA LEU A 409 -10.69 27.22 -2.18
C LEU A 409 -9.57 26.42 -1.53
N MET A 410 -8.32 26.73 -1.88
CA MET A 410 -7.18 26.05 -1.27
C MET A 410 -7.31 26.02 0.25
N GLN A 411 -7.62 27.18 0.85
CA GLN A 411 -7.80 27.25 2.30
C GLN A 411 -8.88 26.27 2.77
N PHE A 412 -10.09 26.41 2.24
CA PHE A 412 -11.20 25.58 2.70
C PHE A 412 -10.91 24.10 2.48
N GLN A 413 -10.20 23.79 1.38
CA GLN A 413 -9.82 22.41 1.09
C GLN A 413 -9.05 21.81 2.26
N ALA A 414 -8.01 22.52 2.73
CA ALA A 414 -7.24 22.10 3.89
C ALA A 414 -8.06 22.09 5.15
N ASP A 415 -9.02 23.01 5.27
CA ASP A 415 -9.76 23.10 6.52
C ASP A 415 -10.70 21.90 6.72
N ILE A 416 -11.38 21.43 5.66
CA ILE A 416 -12.22 20.25 5.80
C ILE A 416 -11.46 18.96 5.65
N LEU A 417 -10.20 19.01 5.24
CA LEU A 417 -9.38 17.83 5.15
C LEU A 417 -8.57 17.61 6.41
N ASN A 418 -8.41 18.66 7.23
CA ASN A 418 -7.48 18.63 8.36
C ASN A 418 -6.13 18.05 7.95
N ARG A 419 -5.62 18.56 6.82
CA ARG A 419 -4.30 18.23 6.31
C ARG A 419 -3.72 19.45 5.61
N LYS A 420 -2.39 19.47 5.46
CA LYS A 420 -1.76 20.54 4.69
C LYS A 420 -2.08 20.46 3.19
N VAL A 421 -2.29 21.62 2.55
CA VAL A 421 -2.52 21.74 1.10
C VAL A 421 -1.40 22.61 0.53
N ILE A 422 -0.54 22.03 -0.30
CA ILE A 422 0.78 22.60 -0.61
C ILE A 422 0.84 22.91 -2.10
N ARG A 423 0.93 24.21 -2.43
CA ARG A 423 0.91 24.69 -3.81
C ARG A 423 2.34 24.84 -4.29
N PRO A 424 2.79 24.14 -5.35
CA PRO A 424 4.19 24.22 -5.75
C PRO A 424 4.47 25.53 -6.47
N VAL A 425 5.77 25.81 -6.61
CA VAL A 425 6.15 27.01 -7.34
C VAL A 425 5.81 26.84 -8.81
N VAL A 426 5.94 25.62 -9.31
CA VAL A 426 5.59 25.33 -10.70
C VAL A 426 4.07 25.18 -10.84
N LYS A 427 3.55 25.65 -11.97
CA LYS A 427 2.13 25.56 -12.26
C LYS A 427 1.87 24.39 -13.21
N GLU A 428 2.48 24.42 -14.39
CA GLU A 428 2.30 23.41 -15.41
C GLU A 428 2.98 22.10 -15.02
N THR A 429 2.58 21.58 -13.86
CA THR A 429 3.12 20.33 -13.33
C THR A 429 2.95 19.16 -14.31
N THR A 430 1.77 19.03 -14.92
CA THR A 430 1.55 17.96 -15.90
C THR A 430 2.58 17.97 -16.99
N ALA A 431 2.95 19.16 -17.48
CA ALA A 431 3.99 19.29 -18.50
C ALA A 431 5.36 19.01 -17.91
N LEU A 432 5.67 19.61 -16.75
CA LEU A 432 6.90 19.31 -16.05
C LEU A 432 7.20 17.83 -16.01
N GLY A 433 6.22 17.03 -15.59
CA GLY A 433 6.42 15.61 -15.48
C GLY A 433 6.71 14.98 -16.82
N ALA A 434 6.01 15.43 -17.87
CA ALA A 434 6.29 14.89 -19.20
C ALA A 434 7.66 15.32 -19.68
N ALA A 435 8.13 16.47 -19.21
CA ALA A 435 9.50 16.89 -19.45
C ALA A 435 10.46 16.01 -18.68
N TYR A 436 10.36 16.02 -17.34
CA TYR A 436 11.16 15.16 -16.50
C TYR A 436 11.31 13.75 -17.12
N LEU A 437 10.19 13.13 -17.48
CA LEU A 437 10.24 11.81 -18.09
C LEU A 437 11.10 11.81 -19.34
N ALA A 438 10.78 12.71 -20.29
CA ALA A 438 11.55 12.79 -21.51
C ALA A 438 13.02 13.09 -21.21
N GLY A 439 13.27 13.93 -20.19
CA GLY A 439 14.59 14.26 -19.70
C GLY A 439 15.44 13.06 -19.31
N LEU A 440 15.10 12.40 -18.19
CA LEU A 440 15.84 11.24 -17.71
C LEU A 440 16.42 10.35 -18.82
N ALA A 441 15.58 9.96 -19.79
CA ALA A 441 15.94 8.97 -20.81
C ALA A 441 16.96 9.47 -21.83
N VAL A 442 17.42 10.72 -21.71
CA VAL A 442 18.31 11.39 -22.67
C VAL A 442 19.13 12.34 -21.81
N ASP A 443 20.06 11.77 -21.04
CA ASP A 443 20.55 12.33 -19.78
C ASP A 443 20.59 13.85 -19.74
N TYR A 444 19.42 14.50 -19.74
CA TYR A 444 19.24 15.91 -19.43
C TYR A 444 19.14 16.12 -17.92
N TRP A 445 19.01 15.03 -17.17
CA TRP A 445 18.94 14.98 -15.71
C TRP A 445 19.52 13.64 -15.30
N ALA A 446 20.22 13.62 -14.16
CA ALA A 446 20.90 12.39 -13.74
C ALA A 446 19.92 11.40 -13.14
N ASP A 447 19.31 11.78 -12.01
CA ASP A 447 18.51 10.93 -11.16
C ASP A 447 17.17 11.60 -10.88
N THR A 448 16.23 10.82 -10.32
CA THR A 448 15.02 11.42 -9.75
C THR A 448 15.33 12.25 -8.50
N ARG A 449 16.40 11.92 -7.77
CA ARG A 449 16.69 12.71 -6.59
C ARG A 449 17.17 14.10 -6.96
N GLU A 450 17.89 14.24 -8.07
CA GLU A 450 18.28 15.58 -8.50
C GLU A 450 17.05 16.41 -8.83
N ILE A 451 16.15 15.84 -9.64
CA ILE A 451 14.88 16.46 -9.96
C ILE A 451 14.11 16.83 -8.72
N ALA A 452 14.03 15.91 -7.76
CA ALA A 452 13.23 16.15 -6.57
C ALA A 452 13.72 17.33 -5.74
N GLU A 453 14.92 17.83 -5.99
CA GLU A 453 15.49 18.92 -5.19
C GLU A 453 15.23 20.29 -5.78
N LEU A 454 14.77 20.39 -7.02
CA LEU A 454 14.34 21.66 -7.56
C LEU A 454 12.83 21.82 -7.49
N TRP A 455 12.15 20.95 -6.77
CA TRP A 455 10.74 21.14 -6.49
C TRP A 455 10.60 22.07 -5.30
N LYS A 456 9.92 23.19 -5.48
CA LYS A 456 9.85 24.16 -4.41
C LYS A 456 8.39 24.40 -4.01
N ALA A 457 8.16 24.45 -2.70
CA ALA A 457 6.86 24.74 -2.12
C ALA A 457 6.55 26.23 -2.17
N GLU A 458 5.64 26.65 -3.06
CA GLU A 458 5.29 28.06 -3.13
C GLU A 458 4.38 28.53 -1.98
N ARG A 459 3.49 27.67 -1.45
CA ARG A 459 2.68 28.08 -0.30
C ARG A 459 2.01 26.87 0.34
N ILE A 460 1.95 26.85 1.66
CA ILE A 460 1.43 25.71 2.42
C ILE A 460 0.21 26.17 3.19
N PHE A 461 -0.98 25.75 2.74
CA PHE A 461 -2.21 26.15 3.39
C PHE A 461 -2.42 25.31 4.65
N GLU A 462 -2.42 25.97 5.74
CA GLU A 462 -2.57 25.34 7.05
C GLU A 462 -4.04 25.19 7.37
N PRO A 463 -4.49 24.00 7.80
CA PRO A 463 -5.86 23.84 8.26
C PRO A 463 -6.03 24.52 9.60
N LYS A 464 -7.05 25.38 9.70
CA LYS A 464 -7.33 26.05 10.97
C LYS A 464 -8.81 26.00 11.30
N MET A 465 -9.46 24.86 11.09
CA MET A 465 -10.90 24.73 11.28
C MET A 465 -11.19 23.68 12.33
N ASP A 466 -11.84 24.10 13.40
CA ASP A 466 -12.66 23.30 14.30
C ASP A 466 -13.01 21.90 13.78
N GLU A 467 -12.92 20.87 14.64
CA GLU A 467 -13.35 19.53 14.23
C GLU A 467 -14.87 19.41 14.16
N LYS A 468 -15.56 19.96 15.14
CA LYS A 468 -17.02 19.94 15.12
C LYS A 468 -17.55 20.68 13.90
N THR A 469 -16.99 21.86 13.63
CA THR A 469 -17.42 22.64 12.47
C THR A 469 -17.18 21.88 11.17
N ARG A 470 -16.01 21.25 11.08
CA ARG A 470 -15.68 20.49 9.87
C ARG A 470 -16.65 19.34 9.65
N GLU A 471 -17.02 18.64 10.72
CA GLU A 471 -17.97 17.53 10.54
C GLU A 471 -19.38 18.03 10.25
N ARG A 472 -19.74 19.21 10.71
CA ARG A 472 -21.11 19.63 10.48
C ARG A 472 -21.32 19.97 9.02
N LEU A 473 -20.32 20.63 8.41
CA LEU A 473 -20.39 21.08 7.01
C LEU A 473 -20.37 19.91 6.04
N TYR A 474 -19.53 18.89 6.33
CA TYR A 474 -19.43 17.73 5.47
C TYR A 474 -20.58 16.74 5.67
N LYS A 475 -21.24 16.75 6.83
CA LYS A 475 -22.50 16.01 6.94
C LYS A 475 -23.55 16.62 6.02
N GLY A 476 -23.56 17.94 5.90
CA GLY A 476 -24.47 18.57 4.97
C GLY A 476 -24.06 18.30 3.54
N TRP A 477 -22.76 18.10 3.30
CA TRP A 477 -22.36 17.72 1.96
C TRP A 477 -22.95 16.38 1.58
N LYS A 478 -22.77 15.38 2.46
CA LYS A 478 -23.22 14.01 2.19
C LYS A 478 -24.73 13.97 2.00
N GLU A 479 -25.45 14.75 2.79
CA GLU A 479 -26.89 14.72 2.64
C GLU A 479 -27.27 15.30 1.29
N ALA A 480 -26.60 16.40 0.91
CA ALA A 480 -26.86 16.99 -0.38
C ALA A 480 -26.62 16.00 -1.51
N VAL A 481 -25.57 15.17 -1.38
CA VAL A 481 -25.22 14.21 -2.42
C VAL A 481 -26.29 13.15 -2.55
N LYS A 482 -26.71 12.59 -1.41
CA LYS A 482 -27.83 11.66 -1.37
C LYS A 482 -28.94 12.13 -2.29
N ARG A 483 -29.25 13.43 -2.27
CA ARG A 483 -30.37 13.96 -3.04
C ARG A 483 -30.05 14.17 -4.52
N ALA A 484 -28.79 14.13 -4.91
CA ALA A 484 -28.42 14.20 -6.32
C ALA A 484 -28.48 12.85 -7.03
N MET A 485 -28.59 11.74 -6.30
CA MET A 485 -28.39 10.42 -6.86
C MET A 485 -29.56 9.94 -7.73
N GLY A 486 -29.22 9.36 -8.87
CA GLY A 486 -30.18 8.60 -9.65
C GLY A 486 -31.26 9.42 -10.32
N TRP A 487 -30.97 10.69 -10.60
CA TRP A 487 -32.01 11.59 -11.09
C TRP A 487 -32.27 11.41 -12.59
N ALA A 488 -31.28 10.96 -13.36
CA ALA A 488 -31.47 10.82 -14.79
C ALA A 488 -32.23 9.55 -15.17
N LYS A 489 -32.42 8.60 -14.25
CA LYS A 489 -33.35 7.51 -14.52
C LYS A 489 -34.77 7.80 -14.05
N VAL A 490 -34.93 8.90 -13.30
CA VAL A 490 -36.27 9.46 -13.03
C VAL A 490 -36.73 10.35 -14.18
N VAL A 491 -35.90 11.37 -14.56
CA VAL A 491 -36.29 12.40 -15.53
C VAL A 491 -35.70 12.10 -16.92
N ASP A 492 -36.40 12.59 -17.95
CA ASP A 492 -36.06 12.32 -19.32
C ASP A 492 -36.30 13.54 -20.21
N MET B 1 42.44 -11.43 10.95
CA MET B 1 41.42 -12.43 11.23
C MET B 1 40.17 -12.12 10.42
N GLU B 2 39.32 -13.13 10.23
CA GLU B 2 38.01 -12.93 9.63
C GLU B 2 36.93 -12.97 10.71
N LYS B 3 35.92 -12.12 10.56
CA LYS B 3 34.96 -11.83 11.61
C LYS B 3 33.59 -12.41 11.28
N PHE B 4 32.67 -12.22 12.23
CA PHE B 4 31.38 -12.89 12.26
C PHE B 4 30.41 -12.07 13.08
N VAL B 5 29.14 -12.25 12.80
CA VAL B 5 28.08 -11.60 13.58
C VAL B 5 27.40 -12.64 14.47
N LEU B 6 27.14 -12.25 15.71
CA LEU B 6 26.42 -13.05 16.67
C LEU B 6 24.99 -12.58 16.80
N SER B 7 24.05 -13.52 16.73
CA SER B 7 22.62 -13.23 16.82
C SER B 7 22.04 -13.82 18.10
N LEU B 8 21.12 -13.10 18.72
CA LEU B 8 20.51 -13.51 19.98
C LEU B 8 19.01 -13.65 19.73
N ASP B 9 18.55 -14.90 19.65
CA ASP B 9 17.19 -15.26 19.24
C ASP B 9 16.51 -15.79 20.51
N GLU B 10 15.85 -14.90 21.24
CA GLU B 10 15.32 -15.19 22.57
C GLU B 10 13.85 -15.61 22.44
N GLY B 11 13.64 -16.88 22.14
CA GLY B 11 12.31 -17.36 21.79
C GLY B 11 11.34 -17.32 22.96
N THR B 12 10.21 -18.01 22.78
CA THR B 12 9.29 -18.16 23.91
C THR B 12 9.47 -19.49 24.65
N THR B 13 10.02 -20.51 23.99
CA THR B 13 10.25 -21.82 24.60
C THR B 13 11.71 -22.27 24.51
N SER B 14 12.64 -21.34 24.28
CA SER B 14 14.03 -21.63 23.92
C SER B 14 14.79 -20.32 23.69
N ALA B 15 16.02 -20.22 24.17
CA ALA B 15 16.85 -19.03 23.96
C ALA B 15 18.08 -19.45 23.14
N ARG B 16 18.09 -19.08 21.87
CA ARG B 16 19.13 -19.46 20.93
C ARG B 16 20.13 -18.32 20.75
N ALA B 17 21.30 -18.68 20.19
CA ALA B 17 22.32 -17.74 19.77
C ALA B 17 23.06 -18.42 18.65
N ILE B 18 23.22 -17.71 17.53
CA ILE B 18 23.81 -18.25 16.31
C ILE B 18 24.86 -17.28 15.80
N ILE B 19 25.95 -17.80 15.26
CA ILE B 19 27.06 -17.02 14.74
C ILE B 19 27.09 -17.15 13.22
N PHE B 20 27.14 -15.99 12.53
CA PHE B 20 26.97 -15.91 11.07
C PHE B 20 28.18 -15.25 10.43
N ASP B 21 28.39 -15.57 9.14
CA ASP B 21 29.36 -14.84 8.33
C ASP B 21 28.67 -14.17 7.15
N ARG B 22 29.48 -13.51 6.31
CA ARG B 22 28.99 -12.71 5.20
C ARG B 22 28.03 -13.48 4.30
N GLU B 23 28.19 -14.80 4.21
CA GLU B 23 27.38 -15.64 3.35
C GLU B 23 26.18 -16.26 4.07
N SER B 24 25.83 -15.75 5.24
CA SER B 24 24.80 -16.34 6.07
C SER B 24 25.08 -17.77 6.50
N ASN B 25 26.24 -18.33 6.11
CA ASN B 25 26.63 -19.62 6.65
C ASN B 25 26.65 -19.57 8.18
N ILE B 26 26.30 -20.68 8.79
CA ILE B 26 26.17 -20.78 10.24
C ILE B 26 27.40 -21.52 10.76
N HIS B 27 28.21 -20.84 11.56
CA HIS B 27 29.42 -21.46 12.10
C HIS B 27 29.25 -22.04 13.51
N GLY B 28 28.26 -21.58 14.30
CA GLY B 28 28.06 -22.10 15.65
C GLY B 28 26.67 -21.84 16.22
N ILE B 29 26.12 -22.77 17.01
CA ILE B 29 24.73 -22.69 17.45
C ILE B 29 24.61 -23.09 18.92
N GLY B 30 23.92 -22.30 19.71
CA GLY B 30 23.56 -22.72 21.04
C GLY B 30 22.12 -22.37 21.36
N GLN B 31 21.32 -23.35 21.80
CA GLN B 31 19.99 -23.07 22.31
C GLN B 31 19.68 -23.92 23.55
N TYR B 32 19.08 -23.28 24.55
CA TYR B 32 18.79 -23.92 25.83
C TYR B 32 17.42 -23.46 26.32
N GLU B 33 16.46 -24.39 26.39
CA GLU B 33 15.11 -24.07 26.86
C GLU B 33 15.13 -23.60 28.32
N PHE B 34 14.10 -22.83 28.65
CA PHE B 34 13.75 -22.35 29.98
C PHE B 34 12.31 -22.81 30.22
N PRO B 35 11.70 -22.55 31.41
CA PRO B 35 10.35 -23.10 31.57
C PRO B 35 9.25 -22.06 31.36
N VAL B 44 0.63 -17.26 32.03
CA VAL B 44 1.91 -17.72 31.52
C VAL B 44 2.98 -16.76 31.98
N GLU B 45 4.11 -17.29 32.48
CA GLU B 45 5.20 -16.48 33.02
C GLU B 45 6.56 -17.06 32.66
N HIS B 46 7.55 -16.17 32.59
CA HIS B 46 8.95 -16.49 32.35
C HIS B 46 9.80 -15.76 33.39
N ASN B 47 10.85 -16.43 33.90
CA ASN B 47 11.72 -15.77 34.89
C ASN B 47 12.94 -15.18 34.20
N PRO B 48 13.12 -13.84 34.28
CA PRO B 48 14.28 -13.19 33.65
C PRO B 48 15.60 -13.92 33.83
N GLU B 49 15.99 -14.10 35.10
CA GLU B 49 17.23 -14.79 35.41
C GLU B 49 17.31 -16.13 34.70
N GLU B 50 16.21 -16.91 34.72
CA GLU B 50 16.19 -18.20 34.04
C GLU B 50 16.44 -18.05 32.55
N ILE B 51 15.71 -17.13 31.90
CA ILE B 51 15.87 -16.95 30.46
C ILE B 51 17.24 -16.38 30.12
N TRP B 52 17.81 -15.56 31.00
CA TRP B 52 19.13 -15.00 30.76
C TRP B 52 20.20 -16.09 30.68
N ASP B 53 20.44 -16.82 31.77
CA ASP B 53 21.53 -17.78 31.74
C ASP B 53 21.19 -18.99 30.85
N ALA B 54 19.92 -19.26 30.58
CA ALA B 54 19.59 -20.20 29.50
C ALA B 54 20.05 -19.66 28.16
N GLN B 55 19.84 -18.35 27.93
CA GLN B 55 20.40 -17.72 26.75
C GLN B 55 21.92 -17.62 26.86
N LEU B 56 22.41 -17.16 28.01
CA LEU B 56 23.84 -16.86 28.16
C LEU B 56 24.71 -18.10 27.95
N ARG B 57 24.35 -19.22 28.58
CA ARG B 57 25.07 -20.47 28.28
C ARG B 57 24.94 -20.84 26.81
N ALA B 58 23.88 -20.38 26.13
CA ALA B 58 23.71 -20.65 24.70
C ALA B 58 24.58 -19.77 23.81
N ILE B 59 25.01 -18.61 24.30
CA ILE B 59 26.06 -17.88 23.60
C ILE B 59 27.34 -18.72 23.55
N LYS B 60 27.86 -19.10 24.72
CA LYS B 60 29.15 -19.79 24.79
C LYS B 60 29.15 -21.05 23.94
N ASP B 61 28.05 -21.81 23.96
CA ASP B 61 27.92 -22.94 23.05
C ASP B 61 28.22 -22.51 21.61
N ALA B 62 27.61 -21.40 21.18
CA ALA B 62 27.73 -20.98 19.79
C ALA B 62 29.17 -20.56 19.47
N ILE B 63 29.81 -19.80 20.37
CA ILE B 63 31.20 -19.38 20.13
C ILE B 63 32.12 -20.60 20.06
N GLN B 64 31.92 -21.56 20.97
CA GLN B 64 32.72 -22.78 20.95
C GLN B 64 32.55 -23.55 19.64
N SER B 65 31.31 -23.68 19.16
CA SER B 65 31.09 -24.46 17.96
C SER B 65 31.79 -23.86 16.75
N ALA B 66 32.05 -22.56 16.78
CA ALA B 66 32.69 -21.89 15.65
C ALA B 66 34.21 -21.89 15.75
N ARG B 67 34.76 -22.29 16.89
CA ARG B 67 36.20 -22.20 17.17
C ARG B 67 36.69 -20.78 16.93
N ILE B 68 36.04 -19.81 17.59
CA ILE B 68 36.42 -18.41 17.43
C ILE B 68 36.56 -17.71 18.78
N GLU B 69 37.28 -16.60 18.76
CA GLU B 69 37.57 -15.75 19.90
C GLU B 69 36.52 -14.66 20.02
N PRO B 70 36.31 -14.10 21.21
CA PRO B 70 35.50 -12.86 21.32
C PRO B 70 35.97 -11.78 20.36
N ASN B 71 37.26 -11.83 19.97
CA ASN B 71 37.85 -10.88 19.03
C ASN B 71 37.18 -10.87 17.67
N GLN B 72 36.54 -11.97 17.27
CA GLN B 72 36.06 -12.12 15.90
C GLN B 72 34.61 -11.69 15.74
N ILE B 73 33.89 -11.56 16.84
CA ILE B 73 32.46 -11.25 16.83
C ILE B 73 32.30 -9.75 16.55
N ALA B 74 32.07 -9.39 15.29
CA ALA B 74 32.07 -7.97 14.90
C ALA B 74 30.85 -7.20 15.39
N ALA B 75 29.75 -7.88 15.72
CA ALA B 75 28.53 -7.17 16.15
C ALA B 75 27.55 -8.17 16.75
N ILE B 76 26.76 -7.68 17.71
CA ILE B 76 25.71 -8.45 18.38
C ILE B 76 24.36 -7.97 17.88
N GLY B 77 23.50 -8.91 17.48
CA GLY B 77 22.12 -8.58 17.11
C GLY B 77 21.12 -9.27 18.03
N VAL B 78 20.06 -8.55 18.40
CA VAL B 78 19.11 -9.00 19.42
C VAL B 78 17.70 -9.08 18.82
N THR B 79 17.16 -10.30 18.69
CA THR B 79 15.71 -10.48 18.61
C THR B 79 15.16 -11.22 19.82
N ASN B 80 13.83 -11.23 19.93
CA ASN B 80 13.21 -11.66 21.16
C ASN B 80 11.71 -11.84 20.93
N GLN B 81 11.10 -12.74 21.72
CA GLN B 81 9.65 -12.79 21.85
C GLN B 81 9.11 -11.43 22.25
N ARG B 82 8.14 -10.89 21.51
CA ARG B 82 7.96 -9.45 21.67
C ARG B 82 6.89 -9.34 22.76
N GLU B 83 6.34 -8.14 22.99
CA GLU B 83 5.26 -7.93 23.94
C GLU B 83 5.66 -8.17 25.40
N THR B 84 6.12 -9.39 25.73
CA THR B 84 6.51 -9.82 27.09
C THR B 84 7.07 -8.69 27.96
N THR B 85 6.46 -8.42 29.11
CA THR B 85 6.82 -7.25 29.92
C THR B 85 7.66 -7.62 31.14
N LEU B 86 8.70 -6.80 31.40
CA LEU B 86 9.71 -7.01 32.43
C LEU B 86 10.02 -5.70 33.13
N VAL B 87 10.48 -5.78 34.39
CA VAL B 87 10.83 -4.61 35.19
C VAL B 87 12.04 -4.95 36.07
N TRP B 88 12.99 -4.02 36.19
CA TRP B 88 14.24 -4.24 36.93
C TRP B 88 14.70 -2.93 37.58
N ASP B 89 15.89 -2.95 38.19
CA ASP B 89 16.47 -1.80 38.89
C ASP B 89 17.86 -1.46 38.36
N LYS B 90 18.60 -0.60 39.09
CA LYS B 90 19.82 0.03 38.60
C LYS B 90 20.92 -0.95 38.19
N ASP B 91 20.82 -2.22 38.57
CA ASP B 91 21.83 -3.20 38.16
C ASP B 91 21.25 -4.52 37.67
N GLY B 92 19.95 -4.61 37.43
CA GLY B 92 19.40 -5.67 36.63
C GLY B 92 18.64 -6.74 37.35
N LYS B 93 18.12 -6.46 38.55
CA LYS B 93 17.36 -7.45 39.28
C LYS B 93 15.90 -7.41 38.83
N PRO B 94 15.36 -8.50 38.29
CA PRO B 94 13.92 -8.53 38.04
C PRO B 94 13.15 -8.18 39.31
N LEU B 95 12.14 -7.33 39.17
CA LEU B 95 11.27 -6.96 40.28
C LEU B 95 9.96 -7.74 40.26
N TYR B 96 9.78 -8.63 39.29
CA TYR B 96 8.76 -9.68 39.23
C TYR B 96 8.93 -10.41 37.91
N ASN B 97 8.52 -11.68 37.84
CA ASN B 97 8.62 -12.49 36.63
C ASN B 97 8.10 -11.78 35.39
N ALA B 98 8.48 -12.27 34.22
CA ALA B 98 8.02 -11.68 32.98
C ALA B 98 6.59 -12.13 32.69
N ILE B 99 5.69 -11.17 32.52
CA ILE B 99 4.35 -11.45 32.02
C ILE B 99 4.47 -11.65 30.50
N VAL B 100 4.52 -12.91 30.08
CA VAL B 100 4.74 -13.22 28.68
C VAL B 100 3.53 -12.82 27.85
N TRP B 101 3.77 -12.67 26.54
CA TRP B 101 2.70 -12.26 25.63
C TRP B 101 1.52 -13.22 25.67
N GLN B 102 1.76 -14.52 25.95
CA GLN B 102 0.66 -15.48 25.95
C GLN B 102 -0.29 -15.30 27.11
N CYS B 103 -0.05 -14.34 27.98
CA CYS B 103 -0.78 -14.23 29.23
C CYS B 103 -2.09 -13.49 29.02
N ARG B 104 -3.20 -14.19 29.24
CA ARG B 104 -4.54 -13.62 29.19
C ARG B 104 -5.01 -13.10 30.55
N ARG B 105 -4.12 -12.50 31.35
CA ARG B 105 -4.46 -12.09 32.70
C ARG B 105 -4.96 -10.64 32.80
N THR B 106 -4.74 -9.80 31.79
CA THR B 106 -5.42 -8.51 31.76
C THR B 106 -6.65 -8.53 30.85
N ALA B 107 -7.06 -9.73 30.41
CA ALA B 107 -8.12 -9.93 29.43
C ALA B 107 -9.34 -9.05 29.70
N GLU B 108 -10.08 -9.33 30.79
CA GLU B 108 -11.26 -8.52 31.11
C GLU B 108 -10.89 -7.12 31.56
N MET B 109 -9.64 -6.84 31.85
CA MET B 109 -9.25 -5.47 32.17
C MET B 109 -9.25 -4.59 30.93
N VAL B 110 -9.09 -5.19 29.75
CA VAL B 110 -9.15 -4.46 28.49
C VAL B 110 -10.54 -4.48 27.85
N GLU B 111 -11.40 -5.44 28.21
CA GLU B 111 -12.76 -5.47 27.68
C GLU B 111 -13.58 -4.28 28.15
N GLU B 112 -13.34 -3.79 29.37
CA GLU B 112 -14.05 -2.61 29.86
C GLU B 112 -13.38 -1.31 29.42
N ILE B 113 -12.10 -1.37 29.07
CA ILE B 113 -11.47 -0.26 28.34
C ILE B 113 -11.73 -0.34 26.84
N LYS B 114 -12.33 -1.45 26.38
CA LYS B 114 -12.44 -1.74 24.94
C LYS B 114 -13.41 -0.80 24.25
N ARG B 115 -14.66 -0.77 24.71
CA ARG B 115 -15.66 0.07 24.06
C ARG B 115 -15.23 1.53 24.07
N GLU B 116 -15.02 2.09 25.27
CA GLU B 116 -14.68 3.50 25.43
C GLU B 116 -13.58 3.94 24.46
N TYR B 117 -12.41 3.28 24.54
CA TYR B 117 -11.14 3.80 24.03
C TYR B 117 -10.60 3.09 22.80
N GLY B 118 -10.89 1.81 22.62
CA GLY B 118 -10.28 0.97 21.59
C GLY B 118 -10.06 1.55 20.21
N THR B 119 -11.06 2.23 19.67
CA THR B 119 -10.90 2.84 18.36
C THR B 119 -9.80 3.90 18.38
N MET B 120 -9.75 4.68 19.47
CA MET B 120 -8.72 5.69 19.67
C MET B 120 -7.36 5.03 19.82
N ILE B 121 -7.33 3.81 20.33
CA ILE B 121 -6.05 3.11 20.48
C ILE B 121 -5.53 2.67 19.13
N LYS B 122 -6.34 1.93 18.36
CA LYS B 122 -5.86 1.45 17.06
C LYS B 122 -5.46 2.60 16.14
N GLU B 123 -6.15 3.74 16.23
CA GLU B 123 -5.71 4.87 15.42
C GLU B 123 -4.27 5.25 15.75
N LYS B 124 -3.91 5.21 17.04
CA LYS B 124 -2.61 5.71 17.49
C LYS B 124 -1.49 4.68 17.33
N THR B 125 -1.80 3.40 17.51
CA THR B 125 -0.79 2.39 17.79
C THR B 125 -0.81 1.25 16.78
N GLY B 126 -1.91 1.08 16.05
CA GLY B 126 -2.05 0.07 15.03
C GLY B 126 -2.73 -1.20 15.48
N LEU B 127 -3.04 -1.34 16.77
CA LEU B 127 -3.35 -2.62 17.37
C LEU B 127 -4.80 -2.66 17.82
N VAL B 128 -5.48 -3.76 17.52
CA VAL B 128 -6.79 -4.02 18.12
C VAL B 128 -6.46 -4.43 19.55
N PRO B 129 -6.91 -3.68 20.56
CA PRO B 129 -6.58 -4.05 21.94
C PRO B 129 -6.83 -5.53 22.23
N ASP B 130 -5.94 -6.10 23.04
CA ASP B 130 -6.01 -7.50 23.45
C ASP B 130 -5.15 -7.68 24.69
N ALA B 131 -5.39 -8.79 25.38
CA ALA B 131 -4.54 -9.21 26.49
C ALA B 131 -3.08 -9.08 26.06
N TYR B 132 -2.57 -10.16 25.46
CA TYR B 132 -1.55 -10.12 24.42
C TYR B 132 -0.55 -8.98 24.52
N PHE B 133 -0.99 -7.73 24.40
CA PHE B 133 -0.04 -6.66 24.20
C PHE B 133 0.58 -6.18 25.51
N SER B 134 1.51 -5.25 25.36
CA SER B 134 2.47 -4.97 26.41
C SER B 134 1.93 -3.98 27.43
N ALA B 135 1.05 -3.06 27.02
CA ALA B 135 0.69 -1.95 27.90
C ALA B 135 -0.15 -2.41 29.08
N SER B 136 -1.08 -3.36 28.86
CA SER B 136 -1.90 -3.85 29.97
C SER B 136 -1.03 -4.60 31.00
N LYS B 137 -0.12 -5.45 30.51
CA LYS B 137 0.73 -6.27 31.37
C LYS B 137 1.63 -5.44 32.28
N LEU B 138 1.96 -4.21 31.88
CA LEU B 138 2.89 -3.35 32.61
C LEU B 138 2.18 -2.41 33.57
N LYS B 139 0.93 -2.05 33.29
CA LYS B 139 0.10 -1.42 34.31
C LYS B 139 -0.19 -2.40 35.44
N TRP B 140 -0.44 -3.66 35.09
CA TRP B 140 -0.55 -4.73 36.09
C TRP B 140 0.60 -4.69 37.08
N LEU B 141 1.82 -4.40 36.61
CA LEU B 141 3.00 -4.45 37.46
C LEU B 141 3.09 -3.24 38.38
N LEU B 142 2.57 -2.09 37.97
CA LEU B 142 2.52 -0.94 38.88
C LEU B 142 1.45 -1.13 39.93
N ASP B 143 0.26 -1.58 39.52
CA ASP B 143 -0.83 -1.90 40.43
C ASP B 143 -0.43 -3.02 41.41
N ASN B 144 -0.41 -4.26 40.94
CA ASN B 144 -0.38 -5.42 41.84
C ASN B 144 0.96 -5.58 42.56
N VAL B 145 2.08 -5.52 41.84
CA VAL B 145 3.35 -5.97 42.40
C VAL B 145 3.72 -5.13 43.61
N PRO B 146 4.10 -5.77 44.76
CA PRO B 146 4.09 -5.08 46.07
C PRO B 146 4.80 -3.74 46.08
N GLY B 147 4.01 -2.67 46.13
CA GLY B 147 4.54 -1.32 46.21
C GLY B 147 5.54 -0.95 45.13
N LEU B 148 5.26 -1.32 43.88
CA LEU B 148 6.17 -0.97 42.78
C LEU B 148 5.90 0.45 42.25
N ARG B 149 4.62 0.80 42.11
CA ARG B 149 4.26 2.11 41.59
C ARG B 149 4.98 3.22 42.35
N GLU B 150 5.02 3.09 43.68
CA GLU B 150 5.73 4.06 44.52
C GLU B 150 7.19 4.21 44.09
N LYS B 151 7.82 3.10 43.70
CA LYS B 151 9.24 3.13 43.37
C LYS B 151 9.48 3.76 42.00
N ALA B 152 8.72 3.31 41.00
CA ALA B 152 8.91 3.73 39.61
C ALA B 152 8.68 5.21 39.40
N GLU B 153 8.20 5.94 40.40
CA GLU B 153 8.03 7.37 40.24
C GLU B 153 9.19 8.17 40.79
N LYS B 154 10.12 7.50 41.49
CA LYS B 154 11.40 8.08 41.86
C LYS B 154 12.43 8.00 40.72
N GLY B 155 12.07 7.46 39.56
CA GLY B 155 13.03 7.10 38.55
C GLY B 155 13.77 5.81 38.81
N GLU B 156 13.35 5.05 39.83
CA GLU B 156 14.11 3.93 40.37
C GLU B 156 13.98 2.66 39.54
N VAL B 157 13.07 2.64 38.56
CA VAL B 157 12.73 1.42 37.82
C VAL B 157 12.83 1.67 36.31
N MET B 158 13.25 0.62 35.60
CA MET B 158 13.28 0.56 34.14
C MET B 158 12.30 -0.51 33.67
N PHE B 159 11.53 -0.20 32.62
CA PHE B 159 10.64 -1.15 31.95
C PHE B 159 11.20 -1.50 30.57
N GLY B 160 10.96 -2.73 30.14
CA GLY B 160 11.15 -3.01 28.71
C GLY B 160 10.65 -4.37 28.30
N THR B 161 10.57 -4.56 26.99
CA THR B 161 10.38 -5.90 26.46
C THR B 161 11.67 -6.70 26.54
N VAL B 162 11.60 -7.99 26.21
CA VAL B 162 12.80 -8.81 26.35
C VAL B 162 14.02 -8.16 25.69
N ASP B 163 13.84 -7.46 24.58
CA ASP B 163 14.99 -6.87 23.91
C ASP B 163 15.68 -5.82 24.80
N THR B 164 14.91 -4.95 25.45
CA THR B 164 15.53 -3.92 26.28
C THR B 164 16.32 -4.53 27.43
N PHE B 165 15.78 -5.59 28.02
CA PHE B 165 16.42 -6.31 29.11
C PHE B 165 17.84 -6.72 28.73
N LEU B 166 17.96 -7.72 27.86
CA LEU B 166 19.23 -8.14 27.29
C LEU B 166 20.18 -6.97 27.04
N ILE B 167 19.70 -5.96 26.32
CA ILE B 167 20.52 -4.81 25.93
C ILE B 167 20.71 -3.88 27.13
N TYR B 168 20.14 -4.24 28.28
CA TYR B 168 20.65 -3.64 29.50
C TYR B 168 21.79 -4.48 30.08
N ARG B 169 21.54 -5.77 30.33
CA ARG B 169 22.58 -6.59 30.93
C ARG B 169 23.86 -6.57 30.11
N LEU B 170 23.73 -6.52 28.79
CA LEU B 170 24.89 -6.59 27.91
C LEU B 170 25.67 -5.28 27.90
N THR B 171 24.97 -4.16 28.10
CA THR B 171 25.41 -2.90 27.52
C THR B 171 25.44 -1.75 28.52
N GLY B 172 24.51 -1.76 29.46
CA GLY B 172 24.28 -0.62 30.31
C GLY B 172 23.33 0.39 29.73
N GLU B 173 22.71 0.07 28.59
CA GLU B 173 21.81 0.99 27.92
C GLU B 173 20.36 0.57 28.11
N HIS B 174 19.48 1.58 28.02
CA HIS B 174 18.05 1.47 28.34
C HIS B 174 17.28 1.86 27.07
N VAL B 175 17.20 0.93 26.11
CA VAL B 175 16.80 1.28 24.75
C VAL B 175 15.82 0.24 24.22
N THR B 176 15.32 0.54 23.03
CA THR B 176 14.59 -0.41 22.21
C THR B 176 14.47 0.21 20.82
N ASP B 177 14.17 -0.63 19.84
CA ASP B 177 14.01 -0.11 18.50
C ASP B 177 12.54 0.23 18.23
N TYR B 178 12.25 0.68 17.01
CA TYR B 178 10.88 1.07 16.72
C TYR B 178 9.96 -0.14 16.75
N SER B 179 10.43 -1.29 16.27
CA SER B 179 9.47 -2.37 16.00
C SER B 179 8.98 -2.98 17.29
N ASN B 180 9.90 -3.28 18.20
CA ASN B 180 9.50 -3.76 19.53
C ASN B 180 8.66 -2.74 20.26
N ALA B 181 9.02 -1.46 20.15
CA ALA B 181 8.24 -0.41 20.80
C ALA B 181 6.83 -0.32 20.23
N SER B 182 6.69 -0.48 18.91
CA SER B 182 5.38 -0.49 18.27
C SER B 182 4.44 -1.51 18.87
N ARG B 183 4.98 -2.50 19.57
CA ARG B 183 4.20 -3.54 20.21
C ARG B 183 3.89 -3.23 21.67
N THR B 184 4.41 -2.15 22.24
CA THR B 184 4.08 -1.88 23.63
C THR B 184 2.62 -1.47 23.80
N MET B 185 1.96 -1.01 22.74
CA MET B 185 0.68 -0.30 22.85
C MET B 185 0.79 0.95 23.71
N LEU B 186 2.01 1.46 23.88
CA LEU B 186 2.24 2.82 24.34
C LEU B 186 2.89 3.68 23.27
N PHE B 187 3.32 3.08 22.17
CA PHE B 187 4.08 3.78 21.14
C PHE B 187 3.11 4.18 20.04
N ASN B 188 2.94 5.48 19.85
CA ASN B 188 2.25 5.98 18.69
C ASN B 188 3.12 5.76 17.47
N ILE B 189 2.62 4.97 16.52
CA ILE B 189 3.45 4.59 15.39
C ILE B 189 3.42 5.64 14.27
N LYS B 190 2.53 6.64 14.34
CA LYS B 190 2.61 7.78 13.41
C LYS B 190 3.54 8.87 13.93
N LYS B 191 3.45 9.24 15.22
CA LYS B 191 4.35 10.27 15.77
C LYS B 191 5.74 9.72 16.08
N LEU B 192 5.86 8.42 16.31
CA LEU B 192 7.13 7.75 16.50
C LEU B 192 7.85 8.21 17.76
N ASP B 193 7.13 8.75 18.74
CA ASP B 193 7.59 8.84 20.13
C ASP B 193 6.56 8.07 20.96
N TRP B 194 6.82 7.92 22.26
CA TRP B 194 5.78 7.37 23.11
C TRP B 194 4.61 8.33 23.13
N ASP B 195 3.38 7.80 23.15
CA ASP B 195 2.19 8.63 23.01
C ASP B 195 1.61 8.99 24.37
N ASP B 196 1.48 10.30 24.63
CA ASP B 196 1.08 10.81 25.95
C ASP B 196 -0.24 10.20 26.42
N GLU B 197 -1.25 10.12 25.52
CA GLU B 197 -2.58 9.65 25.90
C GLU B 197 -2.59 8.19 26.36
N LEU B 198 -1.75 7.34 25.74
CA LEU B 198 -1.76 5.93 26.13
C LEU B 198 -1.09 5.72 27.49
N LEU B 199 -0.14 6.59 27.85
CA LEU B 199 0.41 6.58 29.20
C LEU B 199 -0.64 6.95 30.24
N GLU B 200 -1.32 8.09 30.04
CA GLU B 200 -2.41 8.49 30.94
C GLU B 200 -3.37 7.34 31.19
N LEU B 201 -3.86 6.71 30.12
CA LEU B 201 -4.94 5.72 30.24
C LEU B 201 -4.52 4.49 31.02
N PHE B 202 -3.23 4.15 31.00
CA PHE B 202 -2.76 2.92 31.61
C PHE B 202 -1.95 3.16 32.87
N ASP B 203 -1.69 4.43 33.22
CA ASP B 203 -1.03 4.86 34.45
C ASP B 203 0.42 4.38 34.50
N ILE B 204 1.23 4.89 33.58
CA ILE B 204 2.65 4.58 33.48
C ILE B 204 3.41 5.91 33.55
N PRO B 205 4.47 6.00 34.34
CA PRO B 205 5.27 7.23 34.38
C PRO B 205 6.50 7.12 33.49
N GLU B 206 6.75 8.11 32.63
CA GLU B 206 7.78 7.93 31.61
C GLU B 206 9.15 7.62 32.18
N SER B 207 9.41 7.91 33.47
CA SER B 207 10.71 7.62 34.08
C SER B 207 10.94 6.12 34.14
N VAL B 208 10.58 5.41 33.07
CA VAL B 208 10.34 3.98 33.07
C VAL B 208 10.50 3.46 31.65
N LEU B 209 10.30 4.36 30.68
CA LEU B 209 10.22 4.07 29.26
C LEU B 209 11.60 4.13 28.62
N PRO B 210 12.02 3.05 27.95
CA PRO B 210 13.29 3.05 27.24
C PRO B 210 13.28 4.01 26.05
N GLU B 211 14.47 4.49 25.72
CA GLU B 211 14.65 5.39 24.57
C GLU B 211 14.59 4.59 23.27
N VAL B 212 13.74 5.02 22.35
CA VAL B 212 13.47 4.26 21.12
C VAL B 212 14.43 4.74 20.05
N ARG B 213 15.21 3.82 19.50
CA ARG B 213 16.15 4.16 18.42
C ARG B 213 15.88 3.27 17.19
N GLU B 214 16.71 3.43 16.16
CA GLU B 214 16.54 2.63 14.97
C GLU B 214 16.71 1.15 15.30
N SER B 215 16.36 0.29 14.34
CA SER B 215 16.65 -1.13 14.50
C SER B 215 18.08 -1.49 14.13
N SER B 216 18.87 -0.54 13.62
CA SER B 216 20.23 -0.79 13.15
C SER B 216 21.02 0.43 13.62
N GLU B 217 21.77 0.26 14.69
CA GLU B 217 22.29 1.39 15.46
C GLU B 217 23.15 0.80 16.55
N VAL B 218 24.39 1.26 16.67
CA VAL B 218 25.20 0.81 17.80
C VAL B 218 24.58 1.40 19.07
N TYR B 219 24.04 0.51 19.91
CA TYR B 219 23.42 0.91 21.17
C TYR B 219 24.46 1.04 22.29
N GLY B 220 25.50 0.22 22.21
CA GLY B 220 26.56 0.21 23.21
C GLY B 220 27.49 -0.97 22.95
N TYR B 221 28.20 -1.39 24.00
CA TYR B 221 29.22 -2.44 23.85
C TYR B 221 29.15 -3.39 25.03
N THR B 222 29.42 -4.67 24.75
CA THR B 222 29.42 -5.70 25.77
C THR B 222 30.53 -5.47 26.79
N LYS B 223 30.33 -5.98 27.99
CA LYS B 223 31.41 -5.98 28.97
C LYS B 223 32.39 -7.09 28.64
N LYS B 224 33.69 -6.76 28.73
CA LYS B 224 34.72 -7.79 28.53
C LYS B 224 34.49 -8.95 29.49
N GLU B 225 34.03 -8.62 30.71
CA GLU B 225 33.83 -9.58 31.78
C GLU B 225 32.75 -10.60 31.44
N LEU B 226 31.88 -10.31 30.46
CA LEU B 226 30.93 -11.32 29.99
C LEU B 226 31.53 -12.10 28.82
N LEU B 227 31.72 -11.43 27.69
CA LEU B 227 32.02 -12.16 26.46
C LEU B 227 33.52 -12.37 26.23
N GLY B 228 34.38 -11.60 26.88
CA GLY B 228 35.79 -11.62 26.57
C GLY B 228 36.22 -10.50 25.65
N ALA B 229 35.26 -9.87 24.98
CA ALA B 229 35.53 -8.68 24.18
C ALA B 229 34.49 -7.61 24.49
N GLU B 230 34.81 -6.40 24.06
CA GLU B 230 33.87 -5.28 24.07
C GLU B 230 33.31 -5.16 22.67
N ILE B 231 32.36 -6.06 22.37
CA ILE B 231 31.64 -6.17 21.10
C ILE B 231 30.49 -5.17 21.06
N PRO B 232 30.18 -4.59 19.90
CA PRO B 232 28.98 -3.72 19.83
C PRO B 232 27.69 -4.53 19.64
N VAL B 233 26.68 -4.14 20.40
CA VAL B 233 25.30 -4.56 20.15
C VAL B 233 24.67 -3.53 19.22
N SER B 234 24.49 -3.90 17.95
CA SER B 234 24.18 -2.95 16.90
C SER B 234 22.93 -3.29 16.07
N GLY B 235 22.09 -4.24 16.50
CA GLY B 235 20.86 -4.52 15.78
C GLY B 235 19.77 -5.10 16.64
N ASP B 236 18.52 -4.64 16.48
CA ASP B 236 17.43 -5.01 17.40
C ASP B 236 16.08 -4.82 16.71
N ALA B 237 15.28 -5.90 16.69
CA ALA B 237 13.88 -5.85 16.29
C ALA B 237 13.15 -7.05 16.89
N GLY B 238 11.83 -7.04 16.79
CA GLY B 238 11.05 -8.15 17.32
C GLY B 238 11.21 -9.37 16.42
N ASP B 239 11.34 -10.53 17.04
CA ASP B 239 11.71 -11.71 16.26
C ASP B 239 10.81 -11.99 15.04
N GLN B 240 9.55 -11.55 15.04
CA GLN B 240 8.73 -11.74 13.83
C GLN B 240 9.20 -10.86 12.68
N GLN B 241 9.29 -9.55 12.90
CA GLN B 241 9.76 -8.70 11.81
C GLN B 241 11.25 -8.87 11.48
N ALA B 242 12.02 -9.62 12.28
CA ALA B 242 13.38 -9.98 11.90
C ALA B 242 13.42 -11.19 10.98
N ALA B 243 12.53 -12.17 11.21
CA ALA B 243 12.32 -13.17 10.18
C ALA B 243 11.97 -12.48 8.88
N LEU B 244 11.15 -11.43 8.96
CA LEU B 244 10.83 -10.65 7.77
C LEU B 244 12.10 -10.13 7.13
N PHE B 245 12.96 -9.51 7.95
CA PHE B 245 14.23 -9.00 7.46
C PHE B 245 15.15 -10.13 7.02
N GLY B 246 15.24 -11.20 7.80
CA GLY B 246 16.05 -12.33 7.38
C GLY B 246 15.54 -13.00 6.13
N GLN B 247 14.28 -12.73 5.77
CA GLN B 247 13.75 -13.24 4.52
C GLN B 247 14.08 -12.32 3.36
N ALA B 248 14.91 -11.32 3.60
CA ALA B 248 15.28 -10.37 2.57
C ALA B 248 14.03 -9.70 2.03
N ALA B 249 12.98 -9.64 2.82
CA ALA B 249 11.74 -8.99 2.43
C ALA B 249 11.84 -7.48 2.57
N PHE B 250 12.77 -6.88 1.81
CA PHE B 250 13.10 -5.47 1.99
C PHE B 250 12.20 -4.54 1.20
N GLU B 251 11.74 -4.97 0.03
CA GLU B 251 10.78 -4.21 -0.76
C GLU B 251 9.36 -4.40 -0.21
N ALA B 252 8.50 -3.44 -0.52
CA ALA B 252 7.11 -3.52 -0.13
C ALA B 252 6.38 -4.59 -0.94
N GLY B 253 5.27 -5.07 -0.38
CA GLY B 253 4.59 -6.18 -0.97
C GLY B 253 5.24 -7.52 -0.73
N MET B 254 6.42 -7.53 -0.11
CA MET B 254 7.08 -8.80 0.23
C MET B 254 6.47 -9.34 1.51
N VAL B 255 6.31 -10.67 1.57
CA VAL B 255 5.55 -11.32 2.63
C VAL B 255 6.32 -12.52 3.15
N LYS B 256 6.27 -12.71 4.47
CA LYS B 256 6.79 -13.91 5.07
C LYS B 256 5.79 -14.45 6.08
N ALA B 257 5.65 -15.77 6.11
CA ALA B 257 4.83 -16.46 7.10
C ALA B 257 5.72 -17.37 7.94
N THR B 258 5.55 -17.32 9.26
CA THR B 258 6.29 -18.16 10.18
C THR B 258 5.34 -19.22 10.72
N TYR B 259 5.67 -20.50 10.45
CA TYR B 259 4.83 -21.63 10.86
C TYR B 259 5.42 -22.26 12.11
N GLY B 260 4.95 -21.82 13.28
CA GLY B 260 5.37 -22.39 14.54
C GLY B 260 4.23 -22.94 15.37
N THR B 261 4.22 -22.59 16.65
CA THR B 261 3.14 -23.03 17.55
C THR B 261 1.85 -22.29 17.24
N GLY B 262 1.93 -20.98 17.04
CA GLY B 262 1.03 -20.30 16.15
C GLY B 262 1.76 -20.02 14.85
N SER B 263 1.08 -19.32 13.96
CA SER B 263 1.71 -18.74 12.79
C SER B 263 1.62 -17.23 12.90
N PHE B 264 2.49 -16.55 12.16
CA PHE B 264 2.44 -15.09 12.02
C PHE B 264 2.74 -14.74 10.57
N ILE B 265 2.01 -13.77 10.02
CA ILE B 265 2.25 -13.31 8.67
C ILE B 265 2.40 -11.79 8.70
N LEU B 266 3.44 -11.29 8.03
CA LEU B 266 3.68 -9.86 7.91
C LEU B 266 3.98 -9.47 6.47
N VAL B 267 3.41 -8.35 6.03
CA VAL B 267 3.73 -7.73 4.74
C VAL B 267 4.51 -6.47 5.03
N ASN B 268 5.67 -6.36 4.41
CA ASN B 268 6.32 -5.07 4.42
C ASN B 268 5.44 -4.10 3.65
N THR B 269 4.95 -3.05 4.31
CA THR B 269 4.30 -1.95 3.59
C THR B 269 5.15 -0.68 3.54
N ASP B 270 6.43 -0.75 3.93
CA ASP B 270 7.45 0.29 3.80
C ASP B 270 6.98 1.71 4.13
N LYS B 271 7.08 2.64 3.18
CA LYS B 271 6.92 4.03 3.55
C LYS B 271 5.47 4.44 3.79
N MET B 272 4.50 3.54 3.65
CA MET B 272 3.12 3.91 3.91
C MET B 272 2.45 3.01 4.94
N VAL B 273 1.58 3.63 5.70
CA VAL B 273 0.82 2.99 6.75
C VAL B 273 -0.49 2.50 6.14
N LEU B 274 -0.77 1.21 6.30
CA LEU B 274 -2.01 0.63 5.82
C LEU B 274 -2.93 0.37 7.02
N TYR B 275 -4.23 0.42 6.77
CA TYR B 275 -5.21 0.12 7.81
C TYR B 275 -6.05 -1.07 7.39
N SER B 276 -6.38 -1.90 8.37
CA SER B 276 -7.31 -3.00 8.16
C SER B 276 -8.01 -3.28 9.47
N ASP B 277 -9.31 -3.54 9.39
CA ASP B 277 -10.08 -3.74 10.61
C ASP B 277 -9.67 -5.02 11.32
N ASN B 278 -9.28 -6.06 10.56
CA ASN B 278 -8.97 -7.38 11.10
C ASN B 278 -7.48 -7.73 11.00
N LEU B 279 -6.60 -6.72 10.85
CA LEU B 279 -5.15 -6.89 10.78
C LEU B 279 -4.49 -5.83 11.65
N LEU B 280 -3.39 -6.23 12.29
CA LEU B 280 -2.55 -5.32 13.05
C LEU B 280 -1.73 -4.47 12.10
N THR B 281 -1.54 -3.19 12.47
CA THR B 281 -0.67 -2.26 11.74
C THR B 281 0.50 -1.94 12.65
N THR B 282 1.68 -2.46 12.35
CA THR B 282 2.84 -2.16 13.17
C THR B 282 4.05 -1.73 12.34
N ILE B 283 5.21 -1.77 12.98
CA ILE B 283 6.46 -1.31 12.41
C ILE B 283 7.31 -2.52 12.05
N ALA B 284 7.86 -2.52 10.85
CA ALA B 284 8.86 -3.53 10.53
C ALA B 284 10.18 -3.20 11.22
N TRP B 285 10.72 -1.98 11.05
CA TRP B 285 12.05 -1.64 11.57
C TRP B 285 12.46 -0.23 11.22
N GLY B 286 13.31 0.40 12.04
CA GLY B 286 13.99 1.61 11.61
C GLY B 286 15.29 1.25 10.91
N LEU B 287 15.62 1.96 9.85
CA LEU B 287 16.84 1.60 9.13
C LEU B 287 17.26 2.76 8.27
N ASN B 288 18.49 3.24 8.49
CA ASN B 288 19.00 4.41 7.78
C ASN B 288 18.05 5.60 7.96
N GLY B 289 17.66 5.85 9.22
CA GLY B 289 16.76 6.95 9.50
C GLY B 289 15.46 6.89 8.74
N ARG B 290 14.96 5.67 8.47
CA ARG B 290 13.72 5.47 7.72
C ARG B 290 12.91 4.36 8.37
N VAL B 291 11.70 4.68 8.80
CA VAL B 291 10.83 3.69 9.43
C VAL B 291 10.00 3.01 8.35
N SER B 292 9.96 1.69 8.38
CA SER B 292 9.15 0.92 7.44
C SER B 292 8.05 0.23 8.21
N TYR B 293 6.82 0.35 7.73
CA TYR B 293 5.66 -0.20 8.42
C TYR B 293 5.31 -1.55 7.84
N ALA B 294 4.40 -2.25 8.51
CA ALA B 294 4.03 -3.56 8.06
C ALA B 294 2.61 -3.85 8.51
N LEU B 295 2.07 -4.93 7.96
CA LEU B 295 0.72 -5.39 8.24
C LEU B 295 0.84 -6.82 8.73
N GLU B 296 0.41 -7.07 9.97
CA GLU B 296 0.52 -8.41 10.55
C GLU B 296 -0.84 -9.01 10.86
N GLY B 297 -1.02 -10.28 10.48
CA GLY B 297 -2.02 -11.15 11.08
C GLY B 297 -1.36 -12.26 11.88
N SER B 298 -2.03 -12.69 12.94
CA SER B 298 -1.56 -13.74 13.82
C SER B 298 -2.59 -14.87 13.85
N ILE B 299 -2.13 -16.11 13.94
CA ILE B 299 -2.95 -17.25 14.32
C ILE B 299 -2.35 -17.89 15.57
N PHE B 300 -3.19 -18.14 16.57
CA PHE B 300 -2.64 -18.55 17.86
C PHE B 300 -2.27 -20.03 17.89
N VAL B 301 -3.08 -20.88 17.26
CA VAL B 301 -2.81 -22.33 17.18
C VAL B 301 -2.66 -22.71 15.72
N THR B 302 -1.45 -23.04 15.28
CA THR B 302 -1.30 -23.71 14.00
C THR B 302 -0.49 -25.00 14.20
N GLY B 303 0.82 -24.88 14.42
CA GLY B 303 1.61 -26.06 14.68
C GLY B 303 1.28 -26.71 15.99
N ALA B 304 0.74 -25.94 16.93
CA ALA B 304 0.30 -26.50 18.20
C ALA B 304 -0.82 -27.51 18.02
N ALA B 305 -1.46 -27.53 16.85
CA ALA B 305 -2.49 -28.53 16.56
C ALA B 305 -1.87 -29.87 16.23
N VAL B 306 -0.74 -29.85 15.53
CA VAL B 306 0.11 -31.03 15.42
C VAL B 306 0.63 -31.45 16.78
N GLN B 307 1.06 -30.48 17.61
CA GLN B 307 1.50 -30.80 18.96
C GLN B 307 0.42 -31.58 19.70
N TRP B 308 -0.84 -31.38 19.34
CA TRP B 308 -1.91 -32.05 20.05
C TRP B 308 -2.22 -33.43 19.49
N LEU B 309 -2.02 -33.65 18.19
CA LEU B 309 -2.13 -35.00 17.67
C LEU B 309 -1.16 -35.94 18.37
N ARG B 310 -0.05 -35.43 18.91
CA ARG B 310 0.89 -36.31 19.61
C ARG B 310 0.79 -36.21 21.14
N ASP B 311 0.65 -35.01 21.70
CA ASP B 311 0.62 -34.84 23.15
C ASP B 311 -0.78 -35.05 23.70
N GLY B 312 -1.81 -34.73 22.91
CA GLY B 312 -3.18 -34.73 23.39
C GLY B 312 -3.92 -36.03 23.19
N ILE B 313 -4.44 -36.26 21.97
CA ILE B 313 -5.04 -37.55 21.66
C ILE B 313 -4.01 -38.62 21.38
N LYS B 314 -2.73 -38.26 21.35
CA LYS B 314 -1.63 -39.20 21.24
C LYS B 314 -1.88 -40.22 20.11
N ILE B 315 -1.85 -39.71 18.87
CA ILE B 315 -2.01 -40.56 17.69
C ILE B 315 -0.82 -40.44 16.74
N ILE B 316 0.22 -39.70 17.11
CA ILE B 316 1.50 -39.76 16.40
C ILE B 316 2.60 -39.63 17.43
N LYS B 317 3.74 -40.27 17.14
CA LYS B 317 4.90 -40.17 18.00
C LYS B 317 5.59 -38.82 17.80
N HIS B 318 5.99 -38.52 16.56
CA HIS B 318 6.71 -37.31 16.21
C HIS B 318 5.92 -36.53 15.17
N ALA B 319 5.98 -35.21 15.27
CA ALA B 319 5.22 -34.38 14.34
C ALA B 319 5.54 -34.76 12.91
N SER B 320 6.78 -35.18 12.65
CA SER B 320 7.26 -35.64 11.35
C SER B 320 6.21 -36.46 10.62
N GLU B 321 5.48 -37.28 11.40
CA GLU B 321 4.65 -38.38 10.90
C GLU B 321 3.47 -37.88 10.11
N THR B 322 3.19 -36.59 10.13
CA THR B 322 1.98 -36.12 9.50
C THR B 322 2.06 -36.33 7.99
N GLU B 323 3.21 -36.02 7.40
CA GLU B 323 3.42 -36.18 5.97
C GLU B 323 3.01 -37.55 5.46
N GLU B 324 3.58 -38.62 6.04
CA GLU B 324 3.34 -39.97 5.52
C GLU B 324 1.87 -40.32 5.65
N LEU B 325 1.25 -39.88 6.74
CA LEU B 325 -0.16 -40.16 6.94
C LEU B 325 -1.03 -39.41 5.92
N ALA B 326 -0.75 -38.14 5.67
CA ALA B 326 -1.70 -37.35 4.89
C ALA B 326 -1.67 -37.71 3.41
N THR B 327 -0.50 -38.06 2.86
CA THR B 327 -0.45 -38.33 1.43
C THR B 327 -1.07 -39.66 1.09
N LYS B 328 -1.28 -40.53 2.08
CA LYS B 328 -2.06 -41.75 1.84
C LYS B 328 -3.35 -41.40 1.11
N LEU B 329 -4.07 -40.41 1.62
CA LEU B 329 -5.25 -39.85 0.96
C LEU B 329 -4.85 -38.91 -0.15
N GLU B 330 -5.82 -38.58 -1.03
CA GLU B 330 -5.68 -37.46 -1.95
C GLU B 330 -6.84 -36.50 -1.87
N SER B 331 -7.42 -36.35 -0.68
CA SER B 331 -8.36 -35.28 -0.35
C SER B 331 -8.75 -35.45 1.11
N ASN B 332 -9.35 -34.42 1.67
CA ASN B 332 -9.75 -34.57 3.05
C ASN B 332 -11.01 -35.40 3.16
N GLU B 333 -11.56 -35.83 2.01
CA GLU B 333 -12.78 -36.59 1.98
C GLU B 333 -13.80 -35.98 2.94
N GLY B 334 -13.88 -34.65 2.95
CA GLY B 334 -14.85 -33.97 3.76
C GLY B 334 -14.56 -33.89 5.25
N VAL B 335 -13.41 -34.39 5.72
CA VAL B 335 -13.04 -34.27 7.13
C VAL B 335 -12.26 -32.97 7.31
N TYR B 336 -12.73 -32.12 8.22
CA TYR B 336 -12.08 -30.86 8.55
C TYR B 336 -11.85 -30.78 10.06
N PHE B 337 -10.90 -29.92 10.43
CA PHE B 337 -10.45 -29.77 11.81
C PHE B 337 -10.15 -28.30 12.02
N VAL B 338 -11.07 -27.57 12.66
CA VAL B 338 -10.84 -26.19 13.07
C VAL B 338 -10.26 -26.22 14.48
N PRO B 339 -8.97 -25.96 14.67
CA PRO B 339 -8.39 -26.05 16.02
C PRO B 339 -8.42 -24.69 16.70
N ALA B 340 -9.62 -24.28 17.11
CA ALA B 340 -9.85 -23.02 17.80
C ALA B 340 -9.71 -23.17 19.31
N PHE B 341 -8.70 -23.96 19.72
CA PHE B 341 -8.37 -24.29 21.10
C PHE B 341 -8.65 -23.16 22.08
N VAL B 342 -8.32 -21.94 21.68
CA VAL B 342 -8.49 -20.79 22.54
C VAL B 342 -9.37 -19.72 21.91
N GLY B 343 -9.80 -19.92 20.67
CA GLY B 343 -10.74 -19.00 20.07
C GLY B 343 -10.38 -18.70 18.61
N LEU B 344 -11.13 -17.78 18.03
CA LEU B 344 -10.89 -17.30 16.68
C LEU B 344 -10.65 -15.80 16.70
N GLY B 345 -9.81 -15.35 15.77
CA GLY B 345 -9.59 -13.92 15.59
C GLY B 345 -9.78 -13.45 14.16
N ALA B 346 -8.66 -13.10 13.49
CA ALA B 346 -8.67 -12.64 12.11
C ALA B 346 -9.27 -13.71 11.21
N PRO B 347 -10.46 -13.50 10.60
CA PRO B 347 -11.46 -12.42 10.67
C PRO B 347 -12.78 -12.70 11.43
N TYR B 348 -12.80 -13.58 12.44
CA TYR B 348 -14.06 -13.97 13.07
C TYR B 348 -14.23 -13.45 14.49
N TRP B 349 -13.13 -13.15 15.19
CA TRP B 349 -13.12 -12.51 16.52
C TRP B 349 -14.17 -13.12 17.46
N ASP B 350 -14.12 -14.45 17.62
CA ASP B 350 -15.05 -15.16 18.50
C ASP B 350 -14.21 -15.93 19.52
N GLN B 351 -14.02 -15.33 20.71
CA GLN B 351 -13.18 -15.95 21.74
C GLN B 351 -13.83 -17.20 22.33
N PHE B 352 -15.14 -17.35 22.16
CA PHE B 352 -15.86 -18.49 22.70
C PHE B 352 -15.79 -19.72 21.78
N ALA B 353 -15.24 -19.58 20.57
CA ALA B 353 -15.09 -20.70 19.66
C ALA B 353 -14.13 -21.72 20.25
N ARG B 354 -14.31 -22.98 19.84
CA ARG B 354 -13.48 -24.07 20.35
C ARG B 354 -13.21 -25.07 19.22
N GLY B 355 -12.35 -26.05 19.49
CA GLY B 355 -11.90 -26.95 18.43
C GLY B 355 -12.97 -27.96 18.04
N ILE B 356 -13.06 -28.22 16.73
CA ILE B 356 -14.03 -29.19 16.21
C ILE B 356 -13.39 -29.98 15.09
N ILE B 357 -13.70 -31.27 15.04
CA ILE B 357 -13.46 -32.10 13.88
C ILE B 357 -14.83 -32.48 13.33
N ILE B 358 -15.05 -32.27 12.03
CA ILE B 358 -16.30 -32.76 11.46
C ILE B 358 -16.07 -33.42 10.11
N GLY B 359 -17.02 -34.27 9.75
CA GLY B 359 -16.88 -35.19 8.64
C GLY B 359 -16.58 -36.61 9.03
N ILE B 360 -16.69 -36.95 10.32
CA ILE B 360 -16.29 -38.28 10.75
C ILE B 360 -17.33 -39.27 10.30
N THR B 361 -16.88 -40.28 9.55
CA THR B 361 -17.61 -41.47 9.18
C THR B 361 -16.84 -42.67 9.67
N ARG B 362 -17.44 -43.86 9.47
CA ARG B 362 -16.87 -45.14 9.90
C ARG B 362 -15.40 -45.30 9.51
N GLY B 363 -14.98 -44.65 8.43
CA GLY B 363 -13.63 -44.79 7.93
C GLY B 363 -12.71 -43.60 8.07
N THR B 364 -13.08 -42.56 8.81
CA THR B 364 -12.11 -41.54 9.17
C THR B 364 -11.00 -42.16 10.00
N GLY B 365 -9.78 -42.18 9.47
CA GLY B 365 -8.65 -42.72 10.16
C GLY B 365 -7.64 -41.65 10.49
N ARG B 366 -6.51 -42.10 11.03
CA ARG B 366 -5.43 -41.17 11.36
C ARG B 366 -5.01 -40.37 10.13
N GLU B 367 -5.19 -40.92 8.94
CA GLU B 367 -4.85 -40.20 7.73
C GLU B 367 -5.68 -38.92 7.60
N HIS B 368 -6.94 -38.96 8.00
CA HIS B 368 -7.75 -37.78 7.82
C HIS B 368 -7.53 -36.75 8.91
N LEU B 369 -7.21 -37.16 10.13
CA LEU B 369 -6.86 -36.18 11.15
C LEU B 369 -5.52 -35.55 10.83
N ALA B 370 -4.57 -36.34 10.35
CA ALA B 370 -3.28 -35.81 9.94
C ALA B 370 -3.44 -34.87 8.77
N ARG B 371 -4.15 -35.33 7.73
CA ARG B 371 -4.41 -34.46 6.59
C ARG B 371 -5.31 -33.29 6.95
N ALA B 372 -6.22 -33.44 7.90
CA ALA B 372 -7.06 -32.29 8.23
C ALA B 372 -6.26 -31.25 9.00
N THR B 373 -5.36 -31.71 9.88
CA THR B 373 -4.55 -30.81 10.69
C THR B 373 -3.57 -30.00 9.85
N LEU B 374 -2.94 -30.62 8.86
CA LEU B 374 -2.08 -29.86 7.97
C LEU B 374 -2.89 -28.86 7.15
N GLU B 375 -4.01 -29.30 6.58
CA GLU B 375 -4.83 -28.39 5.78
C GLU B 375 -5.29 -27.19 6.62
N ALA B 376 -5.58 -27.40 7.91
CA ALA B 376 -6.00 -26.29 8.75
C ALA B 376 -4.92 -25.22 8.81
N ILE B 377 -3.72 -25.59 9.24
CA ILE B 377 -2.57 -24.70 9.25
C ILE B 377 -2.49 -23.94 7.93
N ALA B 378 -2.68 -24.67 6.81
CA ALA B 378 -2.72 -24.03 5.50
C ALA B 378 -3.91 -23.09 5.37
N TYR B 379 -5.09 -23.51 5.84
CA TYR B 379 -6.30 -22.70 5.71
C TYR B 379 -6.22 -21.43 6.57
N LEU B 380 -5.72 -21.54 7.82
CA LEU B 380 -5.65 -20.38 8.69
C LEU B 380 -4.74 -19.30 8.09
N THR B 381 -3.61 -19.71 7.49
CA THR B 381 -2.79 -18.79 6.73
C THR B 381 -3.62 -18.08 5.67
N ARG B 382 -4.22 -18.83 4.75
CA ARG B 382 -5.07 -18.25 3.71
C ARG B 382 -6.03 -17.21 4.30
N ASP B 383 -6.64 -17.52 5.46
CA ASP B 383 -7.51 -16.56 6.15
C ASP B 383 -6.79 -15.21 6.26
N VAL B 384 -5.55 -15.22 6.75
CA VAL B 384 -4.81 -13.98 6.89
C VAL B 384 -4.35 -13.46 5.53
N VAL B 385 -3.91 -14.34 4.62
CA VAL B 385 -3.44 -13.80 3.34
C VAL B 385 -4.59 -13.16 2.57
N ASP B 386 -5.80 -13.72 2.69
CA ASP B 386 -6.91 -13.14 1.95
C ASP B 386 -7.32 -11.80 2.54
N GLU B 387 -7.20 -11.64 3.86
CA GLU B 387 -7.48 -10.35 4.47
C GLU B 387 -6.50 -9.28 4.00
N MET B 388 -5.25 -9.66 3.71
CA MET B 388 -4.30 -8.74 3.11
C MET B 388 -4.69 -8.40 1.67
N GLU B 389 -5.09 -9.40 0.88
CA GLU B 389 -5.56 -9.16 -0.47
C GLU B 389 -6.76 -8.22 -0.54
N LYS B 390 -7.45 -7.96 0.58
CA LYS B 390 -8.52 -6.97 0.51
C LYS B 390 -7.93 -5.58 0.35
N LEU B 391 -6.64 -5.41 0.60
CA LEU B 391 -5.98 -4.11 0.58
C LEU B 391 -4.87 -4.06 -0.45
N VAL B 392 -4.02 -5.08 -0.48
CA VAL B 392 -2.73 -5.08 -1.18
C VAL B 392 -2.55 -6.45 -1.85
N GLN B 393 -2.01 -6.46 -3.06
CA GLN B 393 -1.70 -7.74 -3.67
C GLN B 393 -0.59 -8.41 -2.89
N ILE B 394 -0.89 -9.56 -2.30
CA ILE B 394 0.16 -10.44 -1.80
C ILE B 394 0.53 -11.38 -2.95
N LYS B 395 1.75 -11.22 -3.46
CA LYS B 395 2.21 -11.89 -4.67
C LYS B 395 2.76 -13.28 -4.40
N GLU B 396 3.47 -13.46 -3.28
CA GLU B 396 4.11 -14.73 -2.97
C GLU B 396 4.54 -14.73 -1.51
N LEU B 397 4.91 -15.91 -1.02
CA LEU B 397 5.10 -16.13 0.41
C LEU B 397 6.48 -16.69 0.69
N ARG B 398 7.29 -15.91 1.38
CA ARG B 398 8.50 -16.43 1.97
C ARG B 398 8.14 -16.99 3.35
N VAL B 399 8.79 -18.08 3.73
CA VAL B 399 8.18 -19.03 4.64
C VAL B 399 9.25 -19.63 5.55
N ASP B 400 8.99 -19.63 6.85
CA ASP B 400 9.95 -20.22 7.78
C ASP B 400 9.24 -20.77 9.02
N GLY B 401 9.97 -21.59 9.77
CA GLY B 401 9.37 -22.25 10.91
C GLY B 401 9.41 -23.77 10.80
N GLY B 402 9.33 -24.44 11.94
CA GLY B 402 9.53 -25.88 11.94
C GLY B 402 8.61 -26.60 10.97
N ALA B 403 7.34 -26.21 10.95
CA ALA B 403 6.37 -26.85 10.07
C ALA B 403 6.79 -26.78 8.60
N THR B 404 7.60 -25.79 8.20
CA THR B 404 7.95 -25.65 6.79
C THR B 404 8.79 -26.82 6.29
N ALA B 405 9.21 -27.70 7.22
CA ALA B 405 9.87 -28.95 6.84
C ALA B 405 8.90 -29.90 6.18
N ASN B 406 7.61 -29.81 6.54
CA ASN B 406 6.57 -30.70 6.03
C ASN B 406 6.35 -30.41 4.56
N ASP B 407 7.08 -31.14 3.69
CA ASP B 407 7.03 -30.88 2.25
C ASP B 407 5.60 -30.93 1.73
N PHE B 408 4.71 -31.67 2.43
CA PHE B 408 3.30 -31.73 2.05
C PHE B 408 2.57 -30.45 2.38
N LEU B 409 2.70 -30.00 3.63
CA LEU B 409 2.12 -28.73 4.04
C LEU B 409 2.47 -27.65 3.03
N MET B 410 3.71 -27.66 2.54
CA MET B 410 4.13 -26.52 1.75
C MET B 410 3.49 -26.56 0.38
N GLN B 411 3.50 -27.72 -0.27
CA GLN B 411 2.84 -27.82 -1.56
C GLN B 411 1.34 -27.50 -1.42
N PHE B 412 0.72 -27.97 -0.34
CA PHE B 412 -0.69 -27.68 -0.18
C PHE B 412 -0.92 -26.21 0.07
N GLN B 413 -0.08 -25.61 0.91
CA GLN B 413 -0.21 -24.19 1.19
C GLN B 413 -0.15 -23.39 -0.10
N ALA B 414 0.77 -23.75 -0.98
CA ALA B 414 0.80 -23.10 -2.28
C ALA B 414 -0.49 -23.37 -3.02
N ASP B 415 -0.96 -24.60 -2.96
CA ASP B 415 -2.11 -25.02 -3.75
C ASP B 415 -3.35 -24.18 -3.43
N ILE B 416 -3.66 -24.00 -2.14
CA ILE B 416 -4.86 -23.24 -1.82
C ILE B 416 -4.68 -21.74 -1.96
N LEU B 417 -3.44 -21.28 -2.02
CA LEU B 417 -3.19 -19.85 -2.09
C LEU B 417 -2.94 -19.44 -3.51
N ASN B 418 -2.74 -20.40 -4.41
CA ASN B 418 -2.39 -20.13 -5.79
C ASN B 418 -1.25 -19.09 -5.87
N ARG B 419 -0.22 -19.35 -5.06
CA ARG B 419 0.94 -18.48 -4.95
C ARG B 419 2.19 -19.31 -4.70
N LYS B 420 3.33 -18.87 -5.25
CA LYS B 420 4.57 -19.55 -4.96
C LYS B 420 4.82 -19.53 -3.46
N VAL B 421 5.16 -20.67 -2.88
CA VAL B 421 5.61 -20.74 -1.50
C VAL B 421 7.09 -21.02 -1.55
N ILE B 422 7.88 -20.17 -0.88
CA ILE B 422 9.33 -20.15 -1.00
C ILE B 422 9.92 -20.55 0.35
N ARG B 423 10.75 -21.70 0.37
CA ARG B 423 11.54 -22.14 1.52
C ARG B 423 12.97 -21.63 1.37
N PRO B 424 13.54 -20.92 2.34
CA PRO B 424 14.91 -20.41 2.18
C PRO B 424 15.94 -21.40 2.70
N VAL B 425 17.14 -21.40 2.10
CA VAL B 425 18.19 -22.30 2.59
C VAL B 425 18.47 -22.02 4.06
N VAL B 426 18.63 -20.76 4.42
CA VAL B 426 18.76 -20.43 5.82
C VAL B 426 17.45 -20.79 6.49
N LYS B 427 17.52 -21.45 7.66
CA LYS B 427 16.29 -21.85 8.31
C LYS B 427 16.00 -21.07 9.59
N GLU B 428 17.01 -20.54 10.27
CA GLU B 428 16.79 -19.81 11.52
C GLU B 428 16.77 -18.32 11.19
N THR B 429 15.64 -17.90 10.61
CA THR B 429 15.54 -16.59 9.97
C THR B 429 15.36 -15.48 10.98
N THR B 430 14.63 -15.74 12.05
CA THR B 430 14.58 -14.78 13.14
C THR B 430 15.97 -14.39 13.63
N ALA B 431 16.81 -15.39 13.87
CA ALA B 431 18.22 -15.13 14.14
C ALA B 431 18.83 -14.32 13.00
N LEU B 432 18.94 -14.93 11.82
CA LEU B 432 19.60 -14.27 10.71
C LEU B 432 19.14 -12.84 10.57
N GLY B 433 17.88 -12.56 10.90
CA GLY B 433 17.37 -11.23 10.68
C GLY B 433 18.07 -10.21 11.56
N ALA B 434 18.20 -10.51 12.85
CA ALA B 434 18.81 -9.59 13.79
C ALA B 434 20.29 -9.39 13.51
N ALA B 435 20.96 -10.38 12.88
CA ALA B 435 22.37 -10.23 12.51
C ALA B 435 22.55 -9.22 11.39
N TYR B 436 21.74 -9.33 10.33
CA TYR B 436 21.80 -8.36 9.25
C TYR B 436 21.68 -6.95 9.80
N LEU B 437 20.72 -6.73 10.71
CA LEU B 437 20.56 -5.44 11.34
C LEU B 437 21.82 -5.03 12.10
N ALA B 438 22.36 -5.94 12.92
CA ALA B 438 23.64 -5.67 13.58
C ALA B 438 24.74 -5.45 12.54
N GLY B 439 24.94 -6.45 11.67
CA GLY B 439 26.00 -6.37 10.66
C GLY B 439 25.95 -5.10 9.83
N LEU B 440 24.75 -4.65 9.44
CA LEU B 440 24.68 -3.45 8.63
C LEU B 440 25.16 -2.21 9.38
N ALA B 441 24.95 -2.16 10.71
CA ALA B 441 25.32 -0.98 11.49
C ALA B 441 26.83 -0.85 11.69
N VAL B 442 27.60 -1.75 11.10
CA VAL B 442 29.02 -1.93 11.38
C VAL B 442 29.71 -2.38 10.08
N ASP B 443 29.08 -2.02 8.96
CA ASP B 443 29.56 -2.23 7.59
C ASP B 443 30.02 -3.66 7.30
N TYR B 444 29.43 -4.64 7.99
CA TYR B 444 29.69 -6.05 7.68
C TYR B 444 29.12 -6.42 6.33
N TRP B 445 27.84 -6.16 6.13
CA TRP B 445 27.27 -5.93 4.82
C TRP B 445 27.20 -4.42 4.61
N ALA B 446 27.24 -4.01 3.34
CA ALA B 446 27.25 -2.59 3.03
C ALA B 446 25.86 -1.98 3.17
N ASP B 447 24.92 -2.54 2.42
CA ASP B 447 23.53 -2.14 2.38
C ASP B 447 22.66 -3.39 2.31
N THR B 448 21.35 -3.20 2.21
CA THR B 448 20.46 -4.34 2.05
C THR B 448 20.58 -4.93 0.66
N ARG B 449 21.00 -4.11 -0.32
CA ARG B 449 21.17 -4.67 -1.67
C ARG B 449 22.23 -5.75 -1.68
N GLU B 450 23.26 -5.64 -0.82
CA GLU B 450 24.26 -6.69 -0.79
C GLU B 450 23.69 -7.98 -0.20
N ILE B 451 22.80 -7.83 0.79
CA ILE B 451 22.17 -8.99 1.42
C ILE B 451 21.15 -9.63 0.48
N ALA B 452 20.36 -8.81 -0.22
CA ALA B 452 19.43 -9.35 -1.20
C ALA B 452 20.14 -10.28 -2.17
N GLU B 453 21.32 -9.89 -2.66
CA GLU B 453 22.04 -10.72 -3.62
C GLU B 453 22.65 -11.94 -2.94
N LEU B 454 23.08 -11.79 -1.70
CA LEU B 454 23.72 -12.90 -0.97
C LEU B 454 22.71 -13.96 -0.55
N TRP B 455 21.63 -13.55 0.13
CA TRP B 455 20.49 -14.42 0.52
C TRP B 455 20.09 -15.34 -0.61
N LYS B 456 19.79 -16.62 -0.30
CA LYS B 456 19.25 -17.43 -1.40
C LYS B 456 18.33 -18.55 -0.93
N ALA B 457 17.62 -19.08 -1.94
CA ALA B 457 16.42 -19.87 -1.79
C ALA B 457 16.73 -21.35 -1.92
N GLU B 458 16.18 -22.14 -1.01
CA GLU B 458 16.30 -23.60 -1.07
C GLU B 458 15.32 -24.25 -2.06
N ARG B 459 14.07 -24.48 -1.67
CA ARG B 459 13.10 -25.05 -2.60
C ARG B 459 11.96 -24.08 -2.84
N ILE B 460 11.42 -24.10 -4.06
CA ILE B 460 10.32 -23.22 -4.42
C ILE B 460 9.12 -24.10 -4.77
N PHE B 461 8.11 -24.11 -3.90
CA PHE B 461 6.87 -24.83 -4.13
C PHE B 461 5.94 -24.06 -5.07
N GLU B 462 5.46 -24.74 -6.13
CA GLU B 462 4.66 -24.11 -7.18
C GLU B 462 3.19 -24.49 -7.07
N PRO B 463 2.25 -23.54 -7.20
CA PRO B 463 0.84 -23.90 -7.27
C PRO B 463 0.56 -24.81 -8.47
N LYS B 464 -0.09 -25.94 -8.19
CA LYS B 464 -0.63 -26.80 -9.23
C LYS B 464 -1.95 -27.38 -8.70
N MET B 465 -2.98 -26.54 -8.63
CA MET B 465 -4.32 -26.97 -8.21
C MET B 465 -5.36 -26.11 -8.91
N ASP B 466 -6.06 -26.72 -9.86
CA ASP B 466 -7.39 -26.36 -10.34
C ASP B 466 -8.06 -25.21 -9.58
N GLU B 467 -8.54 -24.19 -10.29
CA GLU B 467 -9.30 -23.13 -9.62
C GLU B 467 -10.58 -23.66 -9.01
N LYS B 468 -11.23 -24.63 -9.67
CA LYS B 468 -12.39 -25.31 -9.10
C LYS B 468 -12.05 -25.97 -7.76
N THR B 469 -11.10 -26.92 -7.78
CA THR B 469 -10.77 -27.66 -6.56
C THR B 469 -10.41 -26.70 -5.44
N ARG B 470 -9.61 -25.69 -5.77
CA ARG B 470 -9.04 -24.78 -4.77
C ARG B 470 -10.14 -24.07 -3.99
N GLU B 471 -11.24 -23.73 -4.66
CA GLU B 471 -12.32 -23.09 -3.93
C GLU B 471 -13.29 -24.07 -3.27
N ARG B 472 -13.41 -25.32 -3.74
CA ARG B 472 -14.30 -26.24 -3.02
C ARG B 472 -13.73 -26.61 -1.66
N LEU B 473 -12.42 -26.84 -1.59
CA LEU B 473 -11.77 -27.12 -0.30
C LEU B 473 -11.95 -25.96 0.67
N TYR B 474 -11.75 -24.71 0.19
CA TYR B 474 -11.73 -23.57 1.10
C TYR B 474 -13.11 -23.23 1.62
N LYS B 475 -14.14 -23.35 0.76
CA LYS B 475 -15.51 -23.25 1.26
C LYS B 475 -15.79 -24.30 2.31
N GLY B 476 -15.19 -25.50 2.16
CA GLY B 476 -15.29 -26.50 3.20
C GLY B 476 -14.77 -25.97 4.52
N TRP B 477 -13.65 -25.26 4.47
CA TRP B 477 -13.05 -24.69 5.67
C TRP B 477 -13.98 -23.67 6.31
N LYS B 478 -14.50 -22.73 5.52
CA LYS B 478 -15.32 -21.67 6.10
C LYS B 478 -16.56 -22.23 6.77
N GLU B 479 -17.31 -23.09 6.07
CA GLU B 479 -18.52 -23.68 6.65
C GLU B 479 -18.19 -24.50 7.90
N ALA B 480 -17.00 -25.11 7.94
CA ALA B 480 -16.52 -25.76 9.15
C ALA B 480 -16.30 -24.75 10.27
N VAL B 481 -15.67 -23.62 9.95
CA VAL B 481 -15.38 -22.62 10.98
C VAL B 481 -16.65 -22.07 11.56
N LYS B 482 -17.70 -21.97 10.75
CA LYS B 482 -18.97 -21.46 11.25
C LYS B 482 -19.46 -22.27 12.44
N ARG B 483 -19.25 -23.60 12.41
CA ARG B 483 -19.84 -24.48 13.41
C ARG B 483 -18.97 -24.60 14.67
N ALA B 484 -17.77 -24.04 14.65
CA ALA B 484 -17.02 -23.91 15.89
C ALA B 484 -17.44 -22.67 16.69
N MET B 485 -18.14 -21.73 16.03
CA MET B 485 -18.45 -20.44 16.62
C MET B 485 -19.14 -20.59 17.98
N GLY B 486 -18.72 -19.77 18.94
CA GLY B 486 -19.54 -19.54 20.12
C GLY B 486 -19.77 -20.73 21.02
N TRP B 487 -18.84 -21.68 21.04
CA TRP B 487 -19.11 -22.93 21.74
C TRP B 487 -18.99 -22.80 23.25
N ALA B 488 -18.00 -22.03 23.72
CA ALA B 488 -17.83 -21.78 25.15
C ALA B 488 -18.86 -20.83 25.70
N LYS B 489 -19.53 -20.06 24.84
CA LYS B 489 -20.66 -19.22 25.29
C LYS B 489 -21.85 -20.09 25.67
N VAL B 490 -22.06 -21.17 24.93
CA VAL B 490 -23.18 -22.08 25.14
C VAL B 490 -22.70 -23.38 25.83
#